data_9S7F
#
_entry.id   9S7F
#
_cell.length_a   101.755
_cell.length_b   107.708
_cell.length_c   184.457
_cell.angle_alpha   90
_cell.angle_beta   90
_cell.angle_gamma   90
#
_symmetry.space_group_name_H-M   'C 2 2 21'
#
loop_
_entity.id
_entity.type
_entity.pdbx_description
1 polymer 'Cytochrome P-450 monooxygenase DoxA'
2 non-polymer 'PROTOPORPHYRIN IX CONTAINING FE'
3 non-polymer (7~{S},9~{S})-7-[(2~{R},4~{S},5~{S},6~{S})-4-azanyl-6-methyl-5-oxidanyl-oxan-2-yl]oxy-9-ethyl-4-methoxy-6,9,11-tris(oxidanyl)-8,10-dihydro-7~{H}-tetracene-5,12-dione
4 water water
#
_entity_poly.entity_id   1
_entity_poly.type   'polypeptide(L)'
_entity_poly.pdbx_seq_one_letter_code
;MGGSHHHHHHGMASMTGGQQMGRDLYDDDDKDPSSRSGEAPRVAVDPFACPMMTMQRKPEVHDAFREAGPVVEVNAPAGG
PAWVITDDALAREVLADPRFVKDPDLAPAAWRGVDDGLDIPVPELRPFTLIAVDGEAHRRLRRIHAPAFNPRRLAERTDR
IAAIAGRLLTELADASGRSGKPAELIGGFAYHFPLLVICELLGVPVTDPAMAREAVSVLKALGLGGPQSGGGDGTDPAGG
VPDTSALESLLLEAVHSARRNDTPTMTRVLYERAQAEFGSVSDDQLVYMITGLIFAGHDTTGSFLGFLLAEVLAGRLAAD
ADEDAVSRFVEEALRYHPPVPYTLWRFAATEVTIGGVRLPRGAPVLVDIEGTNTDGRHHDAPHAFHPDRPSWRRLTFGDG
PHYCIGEQLAQLESRTMIGVLRSRFPEARLAVPYDELRWCRKGAQTARLTELPVWLR
;
_entity_poly.pdbx_strand_id   A,D
#
# COMPACT_ATOMS: atom_id res chain seq x y z
N GLU A 39 24.94 -41.08 21.64
CA GLU A 39 26.02 -40.93 20.64
C GLU A 39 26.22 -39.46 20.27
N ALA A 40 25.20 -38.71 19.87
CA ALA A 40 25.43 -37.30 19.57
C ALA A 40 25.52 -36.52 20.87
N PRO A 41 26.18 -35.33 20.90
CA PRO A 41 25.83 -34.31 21.90
C PRO A 41 24.32 -34.12 21.96
N ARG A 42 23.76 -33.84 23.16
CA ARG A 42 22.31 -33.75 23.29
C ARG A 42 21.98 -32.38 23.88
N VAL A 43 21.04 -31.63 23.27
CA VAL A 43 20.44 -30.46 23.86
C VAL A 43 18.95 -30.74 24.07
N ALA A 44 18.54 -30.88 25.33
CA ALA A 44 17.22 -31.38 25.68
C ALA A 44 16.18 -30.26 25.57
N VAL A 45 15.86 -29.85 24.32
CA VAL A 45 14.92 -28.78 24.04
C VAL A 45 14.16 -29.18 22.77
N ASP A 46 12.99 -28.56 22.61
CA ASP A 46 12.23 -28.66 21.39
C ASP A 46 12.94 -27.75 20.40
N PRO A 47 13.33 -28.26 19.20
CA PRO A 47 13.99 -27.43 18.21
C PRO A 47 13.06 -26.34 17.70
N PHE A 48 11.74 -26.47 17.92
CA PHE A 48 10.77 -25.51 17.36
C PHE A 48 10.41 -24.38 18.33
N ALA A 49 10.89 -24.46 19.57
CA ALA A 49 10.80 -23.40 20.57
C ALA A 49 11.12 -22.02 19.99
N CYS A 50 10.16 -21.10 20.16
CA CYS A 50 10.27 -19.75 19.62
C CYS A 50 9.49 -18.79 20.49
N PRO A 51 10.15 -18.01 21.35
CA PRO A 51 9.46 -16.91 22.00
C PRO A 51 9.26 -15.80 20.98
N MET A 52 8.57 -14.73 21.37
CA MET A 52 8.34 -13.60 20.48
C MET A 52 9.72 -13.00 20.17
N MET A 53 10.04 -12.78 18.90
CA MET A 53 11.37 -12.37 18.52
C MET A 53 11.35 -10.95 17.99
N THR A 54 12.45 -10.20 18.15
CA THR A 54 12.65 -8.95 17.41
C THR A 54 13.18 -9.29 16.00
N MET A 55 13.21 -8.24 15.14
CA MET A 55 13.53 -8.41 13.75
C MET A 55 14.95 -8.95 13.58
N GLN A 56 15.84 -8.58 14.48
CA GLN A 56 17.26 -8.80 14.29
C GLN A 56 17.70 -10.10 14.95
N ARG A 57 16.82 -10.75 15.69
CA ARG A 57 17.28 -11.88 16.51
C ARG A 57 16.71 -13.19 15.99
N LYS A 58 17.43 -14.28 16.23
CA LYS A 58 16.94 -15.61 15.98
C LYS A 58 16.90 -16.43 17.27
N PRO A 59 15.97 -17.37 17.40
CA PRO A 59 15.88 -18.16 18.62
C PRO A 59 17.23 -18.76 19.06
N GLU A 60 17.46 -18.70 20.38
CA GLU A 60 18.67 -19.15 21.06
C GLU A 60 19.04 -20.61 20.82
N VAL A 61 18.04 -21.45 20.57
CA VAL A 61 18.28 -22.87 20.31
C VAL A 61 19.29 -23.10 19.17
N HIS A 62 19.29 -22.25 18.12
CA HIS A 62 20.19 -22.46 16.97
C HIS A 62 21.67 -22.44 17.37
N ASP A 63 22.02 -21.54 18.29
CA ASP A 63 23.38 -21.25 18.69
C ASP A 63 23.78 -22.38 19.64
N ALA A 64 22.82 -22.85 20.45
CA ALA A 64 23.05 -23.92 21.41
C ALA A 64 23.25 -25.24 20.65
N PHE A 65 22.53 -25.46 19.55
CA PHE A 65 22.76 -26.64 18.73
C PHE A 65 24.13 -26.56 18.07
N ARG A 66 24.48 -25.40 17.51
CA ARG A 66 25.69 -25.26 16.71
C ARG A 66 26.90 -25.40 17.61
N GLU A 67 26.79 -24.92 18.83
CA GLU A 67 27.85 -25.06 19.81
C GLU A 67 27.98 -26.51 20.26
N ALA A 68 26.89 -27.28 20.26
CA ALA A 68 27.00 -28.67 20.70
C ALA A 68 27.70 -29.51 19.64
N GLY A 69 27.49 -29.26 18.33
CA GLY A 69 28.10 -30.12 17.32
C GLY A 69 27.39 -30.04 15.95
N PRO A 70 27.96 -30.70 14.92
CA PRO A 70 27.34 -30.81 13.61
C PRO A 70 26.04 -31.58 13.57
N VAL A 71 25.87 -32.51 14.51
CA VAL A 71 24.68 -33.34 14.58
C VAL A 71 24.32 -33.45 16.06
N VAL A 72 23.13 -32.97 16.41
CA VAL A 72 22.72 -32.76 17.79
C VAL A 72 21.41 -33.49 18.08
N GLU A 73 21.41 -34.39 19.11
CA GLU A 73 20.13 -34.98 19.52
C GLU A 73 19.29 -33.92 20.26
N VAL A 74 17.98 -33.87 19.99
CA VAL A 74 17.07 -32.96 20.67
C VAL A 74 15.82 -33.73 21.06
N ASN A 75 14.83 -33.03 21.65
CA ASN A 75 13.54 -33.65 21.94
C ASN A 75 12.51 -33.32 20.86
N ALA A 76 12.06 -34.33 20.12
CA ALA A 76 11.02 -34.08 19.12
C ALA A 76 9.74 -33.59 19.80
N PRO A 77 8.97 -32.61 19.24
CA PRO A 77 7.80 -32.08 19.97
C PRO A 77 6.74 -33.11 20.34
N ALA A 78 6.61 -34.17 19.55
CA ALA A 78 5.54 -35.14 19.76
C ALA A 78 6.01 -36.43 20.39
N GLY A 79 7.28 -36.50 20.79
CA GLY A 79 7.78 -37.63 21.57
C GLY A 79 9.05 -38.22 20.97
N GLY A 80 9.92 -38.66 21.89
CA GLY A 80 11.18 -39.31 21.53
C GLY A 80 12.21 -38.33 20.96
N PRO A 81 13.33 -38.88 20.45
CA PRO A 81 14.39 -38.03 19.97
C PRO A 81 14.22 -37.56 18.55
N ALA A 82 15.01 -36.54 18.23
CA ALA A 82 15.19 -36.05 16.87
C ALA A 82 16.63 -35.56 16.78
N TRP A 83 17.14 -35.43 15.55
CA TRP A 83 18.49 -34.99 15.35
C TRP A 83 18.53 -33.79 14.43
N VAL A 84 19.27 -32.76 14.82
CA VAL A 84 19.38 -31.55 14.03
C VAL A 84 20.78 -31.49 13.41
N ILE A 85 20.81 -31.10 12.13
CA ILE A 85 22.03 -30.82 11.39
C ILE A 85 22.30 -29.32 11.36
N THR A 86 23.45 -28.89 11.89
CA THR A 86 23.74 -27.49 12.19
C THR A 86 24.85 -26.95 11.30
N ASP A 87 25.34 -27.79 10.37
CA ASP A 87 26.43 -27.45 9.49
C ASP A 87 25.94 -27.54 8.04
N ASP A 88 26.25 -26.47 7.29
CA ASP A 88 25.78 -26.30 5.93
C ASP A 88 26.19 -27.45 5.01
N ALA A 89 27.47 -27.71 4.94
CA ALA A 89 27.95 -28.71 4.01
C ALA A 89 27.37 -30.08 4.32
N LEU A 90 27.43 -30.50 5.60
CA LEU A 90 26.80 -31.72 6.05
C LEU A 90 25.30 -31.79 5.70
N ALA A 91 24.59 -30.64 5.81
CA ALA A 91 23.17 -30.58 5.52
C ALA A 91 22.91 -30.89 4.06
N ARG A 92 23.79 -30.43 3.18
CA ARG A 92 23.70 -30.66 1.75
C ARG A 92 23.94 -32.11 1.41
N GLU A 93 24.83 -32.75 2.17
CA GLU A 93 25.12 -34.16 1.99
C GLU A 93 23.90 -34.94 2.41
N VAL A 94 23.32 -34.65 3.58
CA VAL A 94 22.14 -35.37 4.05
C VAL A 94 20.96 -35.25 3.08
N LEU A 95 20.71 -34.03 2.56
CA LEU A 95 19.52 -33.78 1.76
C LEU A 95 19.61 -34.39 0.36
N ALA A 96 20.81 -34.77 -0.05
CA ALA A 96 21.03 -35.53 -1.27
C ALA A 96 21.29 -37.03 -1.00
N ASP A 97 21.15 -37.52 0.23
CA ASP A 97 21.51 -38.91 0.53
C ASP A 97 20.25 -39.76 0.54
N PRO A 98 20.09 -40.75 -0.37
CA PRO A 98 18.83 -41.47 -0.46
C PRO A 98 18.45 -42.25 0.81
N ARG A 99 19.33 -42.39 1.81
CA ARG A 99 19.01 -43.08 3.04
C ARG A 99 18.15 -42.24 3.98
N PHE A 100 18.02 -40.93 3.71
CA PHE A 100 17.12 -40.14 4.50
C PHE A 100 15.89 -39.77 3.65
N VAL A 101 14.73 -40.27 4.05
CA VAL A 101 13.58 -40.31 3.19
C VAL A 101 12.46 -39.52 3.88
N LYS A 102 11.50 -39.05 3.06
CA LYS A 102 10.30 -38.42 3.59
C LYS A 102 9.33 -39.43 4.21
N ASP A 103 9.35 -40.69 3.80
CA ASP A 103 8.34 -41.68 4.13
C ASP A 103 7.71 -41.50 5.50
N PRO A 104 6.47 -40.95 5.58
CA PRO A 104 5.87 -40.66 6.86
C PRO A 104 5.50 -41.86 7.71
N ASP A 105 5.53 -43.04 7.08
CA ASP A 105 5.28 -44.29 7.74
C ASP A 105 6.43 -44.62 8.68
N LEU A 106 7.62 -44.01 8.54
CA LEU A 106 8.72 -44.28 9.44
C LEU A 106 8.67 -43.45 10.71
N ALA A 107 7.78 -42.48 10.78
CA ALA A 107 7.67 -41.63 11.96
C ALA A 107 7.14 -42.44 13.12
N PRO A 108 7.47 -42.09 14.37
CA PRO A 108 6.98 -42.86 15.51
C PRO A 108 5.44 -42.95 15.51
N ALA A 109 4.90 -43.99 16.15
CA ALA A 109 3.46 -44.22 16.25
C ALA A 109 2.77 -43.12 17.06
N ALA A 110 3.49 -42.56 18.04
CA ALA A 110 2.95 -41.58 18.97
C ALA A 110 2.66 -40.24 18.28
N TRP A 111 3.29 -40.02 17.11
CA TRP A 111 3.18 -38.78 16.36
C TRP A 111 1.86 -38.72 15.60
N ARG A 112 1.32 -39.88 15.20
CA ARG A 112 0.15 -39.92 14.30
C ARG A 112 -1.09 -39.38 15.03
N GLY A 113 -1.69 -38.35 14.46
CA GLY A 113 -2.81 -37.70 15.10
C GLY A 113 -2.37 -36.57 16.03
N VAL A 114 -1.06 -36.39 16.26
CA VAL A 114 -0.61 -35.45 17.28
C VAL A 114 0.43 -34.49 16.73
N ASP A 115 1.46 -34.94 15.98
CA ASP A 115 2.63 -34.11 15.71
C ASP A 115 2.25 -32.92 14.86
N ASP A 116 1.27 -33.08 13.94
CA ASP A 116 0.75 -31.97 13.14
C ASP A 116 1.83 -31.36 12.20
N GLY A 117 3.10 -31.31 12.62
CA GLY A 117 4.25 -31.18 11.72
C GLY A 117 4.45 -32.39 10.77
N LEU A 118 3.78 -33.52 11.04
CA LEU A 118 3.95 -34.74 10.24
C LEU A 118 3.04 -34.66 8.98
N ASP A 119 3.63 -34.78 7.78
CA ASP A 119 2.89 -34.73 6.51
C ASP A 119 2.62 -36.18 6.08
N ILE A 120 1.42 -36.67 6.39
CA ILE A 120 1.06 -38.06 6.19
C ILE A 120 -0.31 -38.22 5.48
N PRO A 121 -0.35 -38.01 4.14
CA PRO A 121 -1.54 -38.35 3.38
C PRO A 121 -1.94 -39.84 3.50
N VAL A 122 -3.20 -40.18 3.24
CA VAL A 122 -3.54 -41.58 3.09
C VAL A 122 -2.63 -42.22 2.04
N PRO A 123 -2.29 -43.52 2.15
CA PRO A 123 -1.33 -44.12 1.22
C PRO A 123 -1.58 -43.82 -0.27
N GLU A 124 -2.81 -44.00 -0.72
CA GLU A 124 -3.13 -43.90 -2.12
C GLU A 124 -2.94 -42.47 -2.65
N LEU A 125 -2.77 -41.45 -1.78
CA LEU A 125 -2.57 -40.06 -2.22
C LEU A 125 -1.11 -39.63 -2.12
N ARG A 126 -0.25 -40.50 -1.53
CA ARG A 126 1.16 -40.17 -1.40
C ARG A 126 1.81 -40.02 -2.77
N PRO A 127 1.49 -40.86 -3.80
CA PRO A 127 2.04 -40.70 -5.13
C PRO A 127 1.74 -39.36 -5.79
N PHE A 128 0.71 -38.65 -5.29
CA PHE A 128 0.29 -37.37 -5.81
C PHE A 128 0.84 -36.25 -4.94
N THR A 129 1.69 -36.54 -3.98
CA THR A 129 2.13 -35.55 -3.01
C THR A 129 3.63 -35.40 -3.08
N LEU A 130 4.13 -34.28 -3.66
CA LEU A 130 5.59 -34.07 -3.83
C LEU A 130 6.36 -34.31 -2.51
N ILE A 131 5.82 -33.88 -1.38
CA ILE A 131 6.55 -33.93 -0.13
C ILE A 131 6.52 -35.33 0.51
N ALA A 132 5.71 -36.27 0.00
CA ALA A 132 5.52 -37.52 0.70
C ALA A 132 6.33 -38.66 0.07
N VAL A 133 7.07 -38.39 -0.99
CA VAL A 133 7.72 -39.46 -1.72
C VAL A 133 9.19 -39.13 -2.03
N ASP A 134 9.94 -40.18 -2.39
CA ASP A 134 11.29 -40.05 -2.93
C ASP A 134 11.44 -40.99 -4.12
N GLY A 135 12.65 -41.03 -4.70
CA GLY A 135 12.94 -42.06 -5.69
C GLY A 135 12.11 -41.83 -6.96
N GLU A 136 11.73 -42.94 -7.62
CA GLU A 136 11.05 -42.83 -8.92
C GLU A 136 9.73 -42.07 -8.75
N ALA A 137 9.01 -42.31 -7.65
CA ALA A 137 7.70 -41.67 -7.47
C ALA A 137 7.84 -40.15 -7.39
N HIS A 138 8.91 -39.68 -6.72
CA HIS A 138 9.20 -38.25 -6.64
C HIS A 138 9.63 -37.72 -8.01
N ARG A 139 10.55 -38.42 -8.71
CA ARG A 139 10.96 -37.99 -10.05
C ARG A 139 9.74 -37.82 -10.99
N ARG A 140 8.73 -38.71 -10.90
CA ARG A 140 7.52 -38.66 -11.72
C ARG A 140 6.81 -37.33 -11.46
N LEU A 141 6.62 -36.99 -10.17
CA LEU A 141 5.89 -35.77 -9.82
C LEU A 141 6.70 -34.55 -10.25
N ARG A 142 8.05 -34.61 -10.15
CA ARG A 142 8.89 -33.50 -10.61
C ARG A 142 8.70 -33.30 -12.11
N ARG A 143 8.60 -34.39 -12.86
CA ARG A 143 8.38 -34.35 -14.28
C ARG A 143 7.04 -33.70 -14.62
N ILE A 144 6.02 -33.98 -13.81
CA ILE A 144 4.69 -33.45 -14.07
C ILE A 144 4.67 -31.94 -13.82
N HIS A 145 5.36 -31.49 -12.76
CA HIS A 145 5.36 -30.08 -12.34
C HIS A 145 6.32 -29.17 -13.14
N ALA A 146 7.46 -29.72 -13.62
CA ALA A 146 8.46 -28.91 -14.30
C ALA A 146 7.87 -27.99 -15.38
N PRO A 147 7.19 -28.53 -16.43
CA PRO A 147 6.69 -27.68 -17.51
C PRO A 147 5.65 -26.69 -17.03
N ALA A 148 4.93 -27.04 -15.97
CA ALA A 148 3.91 -26.16 -15.43
C ALA A 148 4.52 -24.90 -14.81
N PHE A 149 5.75 -25.00 -14.31
CA PHE A 149 6.42 -23.88 -13.67
C PHE A 149 7.51 -23.31 -14.62
N ASN A 150 7.44 -23.60 -15.91
CA ASN A 150 8.35 -22.98 -16.89
C ASN A 150 8.44 -21.49 -16.61
N PRO A 151 9.62 -20.97 -16.20
CA PRO A 151 9.77 -19.56 -15.86
C PRO A 151 9.45 -18.58 -16.99
N ARG A 152 9.55 -19.01 -18.26
CA ARG A 152 9.17 -18.15 -19.37
C ARG A 152 7.67 -17.88 -19.29
N ARG A 153 6.92 -18.92 -18.97
CA ARG A 153 5.49 -18.81 -18.86
C ARG A 153 5.10 -17.93 -17.67
N LEU A 154 5.77 -18.10 -16.52
CA LEU A 154 5.51 -17.22 -15.37
C LEU A 154 5.72 -15.74 -15.74
N ALA A 155 6.83 -15.43 -16.45
CA ALA A 155 7.23 -14.05 -16.78
C ALA A 155 6.19 -13.32 -17.63
N GLU A 156 5.50 -14.06 -18.53
CA GLU A 156 4.40 -13.52 -19.28
C GLU A 156 3.29 -12.99 -18.36
N ARG A 157 3.29 -13.41 -17.07
CA ARG A 157 2.26 -13.02 -16.12
C ARG A 157 2.65 -11.82 -15.25
N THR A 158 3.84 -11.22 -15.50
CA THR A 158 4.40 -10.15 -14.68
C THR A 158 3.39 -9.01 -14.59
N ASP A 159 2.85 -8.56 -15.70
CA ASP A 159 1.96 -7.41 -15.67
C ASP A 159 0.71 -7.66 -14.80
N ARG A 160 0.13 -8.85 -14.91
CA ARG A 160 -0.94 -9.34 -14.03
C ARG A 160 -0.56 -9.44 -12.55
N ILE A 161 0.62 -9.95 -12.25
CA ILE A 161 1.12 -9.94 -10.89
C ILE A 161 1.20 -8.53 -10.29
N ALA A 162 1.77 -7.59 -11.09
CA ALA A 162 1.84 -6.20 -10.69
C ALA A 162 0.44 -5.66 -10.44
N ALA A 163 -0.52 -5.94 -11.36
CA ALA A 163 -1.88 -5.43 -11.24
C ALA A 163 -2.52 -5.90 -9.94
N ILE A 164 -2.35 -7.16 -9.65
CA ILE A 164 -2.80 -7.76 -8.40
C ILE A 164 -2.27 -6.99 -7.18
N ALA A 165 -0.95 -6.82 -7.15
CA ALA A 165 -0.34 -6.15 -6.01
C ALA A 165 -0.87 -4.72 -5.90
N GLY A 166 -0.94 -4.05 -7.06
CA GLY A 166 -1.28 -2.64 -7.09
C GLY A 166 -2.74 -2.42 -6.67
N ARG A 167 -3.63 -3.34 -7.02
CA ARG A 167 -5.03 -3.16 -6.64
C ARG A 167 -5.18 -3.36 -5.12
N LEU A 168 -4.50 -4.38 -4.58
CA LEU A 168 -4.49 -4.70 -3.15
C LEU A 168 -3.95 -3.53 -2.33
N LEU A 169 -2.84 -2.93 -2.79
CA LEU A 169 -2.25 -1.79 -2.14
C LEU A 169 -3.12 -0.54 -2.27
N THR A 170 -3.74 -0.20 -3.46
CA THR A 170 -4.61 0.95 -3.59
C THR A 170 -5.82 0.81 -2.66
N GLU A 171 -6.30 -0.43 -2.50
CA GLU A 171 -7.44 -0.65 -1.64
C GLU A 171 -7.10 -0.34 -0.18
N LEU A 172 -5.97 -0.88 0.24
CA LEU A 172 -5.41 -0.67 1.59
C LEU A 172 -5.13 0.81 1.87
N ALA A 173 -4.65 1.58 0.85
CA ALA A 173 -4.29 2.96 1.08
C ALA A 173 -5.59 3.75 1.21
N ASP A 174 -6.55 3.37 0.38
CA ASP A 174 -7.85 4.05 0.44
C ASP A 174 -8.52 3.79 1.80
N ALA A 175 -8.46 2.56 2.30
CA ALA A 175 -9.08 2.23 3.59
C ALA A 175 -8.39 2.99 4.75
N SER A 176 -7.07 3.16 4.66
CA SER A 176 -6.33 3.94 5.64
C SER A 176 -6.68 5.46 5.59
N GLY A 177 -6.87 6.04 4.38
CA GLY A 177 -7.32 7.40 4.19
C GLY A 177 -8.65 7.65 4.89
N ARG A 178 -9.54 6.63 4.85
CA ARG A 178 -10.97 6.79 5.27
C ARG A 178 -11.02 6.66 6.79
N SER A 179 -10.21 5.72 7.31
CA SER A 179 -10.23 5.23 8.68
C SER A 179 -9.29 6.01 9.61
N GLY A 180 -8.12 6.48 9.16
CA GLY A 180 -7.19 7.18 10.01
C GLY A 180 -6.28 6.16 10.70
N LYS A 181 -6.42 4.91 10.32
CA LYS A 181 -5.64 3.83 10.91
C LYS A 181 -4.61 3.38 9.88
N PRO A 182 -3.40 2.94 10.31
CA PRO A 182 -2.46 2.34 9.38
C PRO A 182 -2.98 1.09 8.70
N ALA A 183 -2.55 0.93 7.47
CA ALA A 183 -2.75 -0.31 6.75
C ALA A 183 -1.99 -1.42 7.44
N GLU A 184 -2.62 -2.56 7.61
CA GLU A 184 -1.98 -3.69 8.27
C GLU A 184 -1.65 -4.65 7.16
N LEU A 185 -0.39 -4.72 6.76
CA LEU A 185 -0.06 -5.45 5.56
C LEU A 185 0.04 -6.96 5.74
N ILE A 186 0.09 -7.49 6.98
CA ILE A 186 0.16 -8.93 7.05
C ILE A 186 -1.22 -9.49 6.69
N GLY A 187 -2.25 -9.05 7.40
CA GLY A 187 -3.61 -9.51 7.14
C GLY A 187 -4.20 -8.98 5.81
N GLY A 188 -3.77 -7.80 5.37
CA GLY A 188 -4.34 -7.19 4.17
C GLY A 188 -3.58 -7.43 2.86
N PHE A 189 -2.36 -8.00 2.88
CA PHE A 189 -1.52 -8.00 1.68
C PHE A 189 -0.68 -9.28 1.62
N ALA A 190 0.08 -9.55 2.69
CA ALA A 190 1.18 -10.53 2.55
C ALA A 190 0.68 -11.90 2.05
N TYR A 191 -0.44 -12.42 2.58
CA TYR A 191 -0.88 -13.75 2.14
C TYR A 191 -1.81 -13.56 0.93
N HIS A 192 -2.61 -12.48 0.91
CA HIS A 192 -3.55 -12.32 -0.18
C HIS A 192 -2.88 -12.23 -1.54
N PHE A 193 -1.76 -11.49 -1.64
CA PHE A 193 -1.09 -11.26 -2.90
C PHE A 193 -0.61 -12.62 -3.44
N PRO A 194 0.25 -13.40 -2.80
CA PRO A 194 0.67 -14.67 -3.40
C PRO A 194 -0.48 -15.66 -3.62
N LEU A 195 -1.53 -15.66 -2.77
CA LEU A 195 -2.64 -16.55 -2.94
C LEU A 195 -3.36 -16.26 -4.25
N LEU A 196 -3.61 -14.98 -4.48
CA LEU A 196 -4.28 -14.59 -5.72
C LEU A 196 -3.42 -14.87 -6.93
N VAL A 197 -2.09 -14.78 -6.83
CA VAL A 197 -1.22 -15.06 -7.94
C VAL A 197 -1.33 -16.55 -8.28
N ILE A 198 -1.14 -17.43 -7.27
CA ILE A 198 -1.06 -18.86 -7.61
C ILE A 198 -2.43 -19.37 -8.05
N CYS A 199 -3.52 -18.80 -7.47
CA CYS A 199 -4.86 -19.18 -7.87
C CYS A 199 -5.07 -18.80 -9.31
N GLU A 200 -4.65 -17.60 -9.70
CA GLU A 200 -4.90 -17.21 -11.07
C GLU A 200 -4.04 -18.02 -12.06
N LEU A 201 -2.81 -18.33 -11.68
CA LEU A 201 -1.97 -19.19 -12.51
C LEU A 201 -2.63 -20.56 -12.74
N LEU A 202 -3.31 -21.13 -11.72
CA LEU A 202 -3.98 -22.43 -11.81
C LEU A 202 -5.38 -22.34 -12.38
N GLY A 203 -5.90 -21.14 -12.68
CA GLY A 203 -7.22 -21.07 -13.28
C GLY A 203 -8.34 -21.16 -12.26
N VAL A 204 -8.07 -20.77 -11.00
CA VAL A 204 -9.02 -20.89 -9.92
C VAL A 204 -9.51 -19.48 -9.59
N PRO A 205 -10.74 -19.06 -9.98
CA PRO A 205 -11.13 -17.66 -9.89
C PRO A 205 -11.59 -17.22 -8.51
N VAL A 206 -10.67 -16.87 -7.65
CA VAL A 206 -10.97 -16.51 -6.27
C VAL A 206 -11.28 -15.03 -6.24
N THR A 207 -12.39 -14.65 -5.59
CA THR A 207 -12.72 -13.25 -5.36
C THR A 207 -12.52 -12.84 -3.89
N ASP A 208 -12.55 -13.78 -2.93
CA ASP A 208 -12.34 -13.41 -1.54
C ASP A 208 -11.12 -14.15 -1.00
N PRO A 209 -9.93 -13.54 -1.00
CA PRO A 209 -8.75 -14.31 -0.61
C PRO A 209 -8.68 -14.70 0.87
N ALA A 210 -9.32 -13.92 1.73
CA ALA A 210 -9.37 -14.24 3.15
C ALA A 210 -10.13 -15.57 3.38
N MET A 211 -11.26 -15.73 2.70
CA MET A 211 -12.06 -16.94 2.82
C MET A 211 -11.33 -18.10 2.15
N ALA A 212 -10.64 -17.83 1.05
CA ALA A 212 -9.95 -18.89 0.34
C ALA A 212 -8.79 -19.41 1.17
N ARG A 213 -8.09 -18.50 1.84
CA ARG A 213 -6.94 -18.84 2.67
C ARG A 213 -7.42 -19.75 3.80
N GLU A 214 -8.54 -19.39 4.42
CA GLU A 214 -9.04 -20.25 5.49
C GLU A 214 -9.42 -21.64 4.97
N ALA A 215 -10.14 -21.69 3.86
CA ALA A 215 -10.63 -22.95 3.32
C ALA A 215 -9.50 -23.83 2.79
N VAL A 216 -8.54 -23.26 2.07
CA VAL A 216 -7.43 -24.12 1.61
C VAL A 216 -6.57 -24.63 2.78
N SER A 217 -6.48 -23.85 3.86
CA SER A 217 -5.83 -24.37 5.07
C SER A 217 -6.54 -25.60 5.60
N VAL A 218 -7.88 -25.58 5.63
CA VAL A 218 -8.60 -26.75 6.09
C VAL A 218 -8.33 -27.96 5.18
N LEU A 219 -8.42 -27.77 3.86
CA LEU A 219 -8.19 -28.86 2.92
C LEU A 219 -6.75 -29.39 2.99
N LYS A 220 -5.79 -28.48 3.18
CA LYS A 220 -4.41 -28.89 3.34
C LYS A 220 -4.30 -29.82 4.57
N ALA A 221 -4.85 -29.40 5.70
CA ALA A 221 -4.72 -30.15 6.94
C ALA A 221 -5.34 -31.54 6.80
N LEU A 222 -6.55 -31.62 6.22
CA LEU A 222 -7.21 -32.86 5.93
C LEU A 222 -6.35 -33.70 5.01
N GLY A 223 -5.88 -33.14 3.89
CA GLY A 223 -5.09 -33.91 2.93
C GLY A 223 -3.77 -34.44 3.50
N LEU A 224 -3.16 -33.71 4.44
CA LEU A 224 -1.88 -34.19 4.93
C LEU A 224 -2.05 -34.98 6.23
N GLY A 225 -3.27 -35.40 6.54
CA GLY A 225 -3.54 -36.40 7.56
C GLY A 225 -4.03 -35.87 8.89
N GLY A 226 -4.67 -34.69 8.95
CA GLY A 226 -5.16 -34.15 10.21
C GLY A 226 -6.55 -34.67 10.57
N PRO A 227 -7.03 -34.39 11.82
CA PRO A 227 -8.28 -34.98 12.34
C PRO A 227 -9.54 -34.58 11.56
N GLN A 228 -10.73 -34.89 12.11
CA GLN A 228 -12.01 -34.32 11.69
C GLN A 228 -12.69 -35.30 10.70
N PRO A 242 -15.06 -24.53 9.31
CA PRO A 242 -14.93 -25.88 8.62
C PRO A 242 -15.54 -25.97 7.22
N ASP A 243 -16.27 -24.95 6.69
CA ASP A 243 -17.03 -25.12 5.43
C ASP A 243 -16.23 -24.72 4.18
N THR A 244 -15.86 -25.72 3.36
CA THR A 244 -14.90 -25.51 2.28
C THR A 244 -15.55 -25.68 0.91
N SER A 245 -16.88 -25.78 0.83
CA SER A 245 -17.52 -26.29 -0.37
C SER A 245 -17.42 -25.24 -1.48
N ALA A 246 -17.34 -23.95 -1.14
CA ALA A 246 -17.28 -22.92 -2.17
C ALA A 246 -15.91 -23.03 -2.88
N LEU A 247 -14.86 -23.18 -2.09
CA LEU A 247 -13.55 -23.28 -2.68
C LEU A 247 -13.45 -24.57 -3.51
N GLU A 248 -13.91 -25.72 -2.98
CA GLU A 248 -13.88 -27.01 -3.66
C GLU A 248 -14.56 -26.91 -5.03
N SER A 249 -15.62 -26.08 -5.17
CA SER A 249 -16.33 -25.86 -6.43
C SER A 249 -15.45 -25.19 -7.45
N LEU A 250 -14.67 -24.19 -6.99
CA LEU A 250 -13.77 -23.44 -7.88
C LEU A 250 -12.61 -24.32 -8.30
N LEU A 251 -12.07 -25.13 -7.35
CA LEU A 251 -10.97 -26.02 -7.72
C LEU A 251 -11.42 -27.04 -8.76
N LEU A 252 -12.57 -27.66 -8.56
CA LEU A 252 -13.08 -28.60 -9.53
C LEU A 252 -13.38 -27.92 -10.89
N GLU A 253 -13.89 -26.67 -10.86
CA GLU A 253 -14.11 -25.95 -12.09
C GLU A 253 -12.80 -25.75 -12.86
N ALA A 254 -11.70 -25.42 -12.17
CA ALA A 254 -10.41 -25.27 -12.81
C ALA A 254 -9.97 -26.63 -13.39
N VAL A 255 -10.20 -27.75 -12.67
CA VAL A 255 -9.82 -29.04 -13.24
C VAL A 255 -10.70 -29.39 -14.45
N HIS A 256 -12.02 -29.22 -14.35
CA HIS A 256 -12.87 -29.47 -15.50
C HIS A 256 -12.45 -28.65 -16.71
N SER A 257 -12.07 -27.40 -16.45
CA SER A 257 -11.68 -26.51 -17.53
C SER A 257 -10.35 -26.93 -18.17
N ALA A 258 -9.41 -27.43 -17.37
CA ALA A 258 -8.14 -27.95 -17.83
C ALA A 258 -8.32 -29.16 -18.73
N ARG A 259 -9.30 -30.02 -18.44
CA ARG A 259 -9.47 -31.20 -19.23
C ARG A 259 -10.18 -30.92 -20.55
N ARG A 260 -11.03 -29.88 -20.55
CA ARG A 260 -11.92 -29.62 -21.67
C ARG A 260 -11.16 -28.80 -22.70
N ASN A 261 -10.23 -27.96 -22.27
CA ASN A 261 -9.66 -26.94 -23.14
C ASN A 261 -8.15 -27.11 -23.23
N ASP A 262 -7.68 -27.05 -24.48
CA ASP A 262 -6.32 -27.33 -24.91
C ASP A 262 -5.38 -26.19 -24.60
N THR A 263 -5.91 -25.08 -24.05
CA THR A 263 -5.09 -23.92 -23.74
C THR A 263 -3.92 -24.32 -22.85
N PRO A 264 -2.65 -24.07 -23.24
CA PRO A 264 -1.49 -24.50 -22.44
C PRO A 264 -1.23 -23.68 -21.16
N THR A 265 -2.14 -23.79 -20.19
CA THR A 265 -2.03 -23.16 -18.89
C THR A 265 -1.34 -24.16 -17.94
N MET A 266 -1.23 -23.73 -16.70
CA MET A 266 -0.52 -24.44 -15.66
C MET A 266 -1.24 -25.76 -15.37
N THR A 267 -2.58 -25.68 -15.17
CA THR A 267 -3.38 -26.82 -14.70
C THR A 267 -3.56 -27.75 -15.88
N ARG A 268 -3.65 -27.24 -17.08
CA ARG A 268 -3.70 -28.04 -18.28
C ARG A 268 -2.41 -28.91 -18.38
N VAL A 269 -1.25 -28.30 -18.13
CA VAL A 269 0.01 -28.99 -18.33
C VAL A 269 0.13 -30.08 -17.23
N LEU A 270 -0.26 -29.75 -16.01
CA LEU A 270 -0.30 -30.72 -14.93
C LEU A 270 -1.19 -31.89 -15.34
N TYR A 271 -2.43 -31.59 -15.77
CA TYR A 271 -3.35 -32.60 -16.30
C TYR A 271 -2.67 -33.46 -17.36
N GLU A 272 -2.14 -32.82 -18.42
CA GLU A 272 -1.60 -33.61 -19.52
C GLU A 272 -0.43 -34.50 -19.09
N ARG A 273 0.39 -33.96 -18.21
CA ARG A 273 1.56 -34.74 -17.80
C ARG A 273 1.18 -35.83 -16.77
N ALA A 274 0.25 -35.54 -15.85
CA ALA A 274 -0.18 -36.63 -14.96
C ALA A 274 -0.94 -37.73 -15.69
N GLN A 275 -1.79 -37.38 -16.71
CA GLN A 275 -2.49 -38.38 -17.47
C GLN A 275 -1.46 -39.32 -18.13
N ALA A 276 -0.36 -38.74 -18.62
CA ALA A 276 0.59 -39.51 -19.38
C ALA A 276 1.32 -40.44 -18.42
N GLU A 277 1.72 -39.92 -17.28
CA GLU A 277 2.57 -40.73 -16.40
C GLU A 277 1.77 -41.80 -15.67
N PHE A 278 0.58 -41.46 -15.16
CA PHE A 278 -0.29 -42.39 -14.43
C PHE A 278 -1.24 -43.16 -15.35
N GLY A 279 -1.28 -42.91 -16.69
CA GLY A 279 -2.24 -43.57 -17.56
C GLY A 279 -3.64 -42.94 -17.48
N SER A 280 -4.12 -42.74 -16.27
CA SER A 280 -5.44 -42.19 -16.00
C SER A 280 -5.36 -41.45 -14.68
N VAL A 281 -5.85 -40.20 -14.62
CA VAL A 281 -5.83 -39.40 -13.41
C VAL A 281 -7.26 -38.84 -13.18
N SER A 282 -7.76 -38.88 -11.94
CA SER A 282 -9.12 -38.49 -11.62
C SER A 282 -9.18 -36.99 -11.35
N ASP A 283 -10.40 -36.41 -11.45
CA ASP A 283 -10.63 -35.04 -11.08
C ASP A 283 -10.23 -34.85 -9.61
N ASP A 284 -10.62 -35.78 -8.73
CA ASP A 284 -10.27 -35.62 -7.33
C ASP A 284 -8.75 -35.56 -7.11
N GLN A 285 -7.98 -36.44 -7.82
CA GLN A 285 -6.53 -36.39 -7.71
C GLN A 285 -5.95 -35.04 -8.14
N LEU A 286 -6.45 -34.46 -9.26
CA LEU A 286 -5.95 -33.17 -9.73
C LEU A 286 -6.32 -32.07 -8.75
N VAL A 287 -7.54 -32.11 -8.18
CA VAL A 287 -7.96 -31.13 -7.20
C VAL A 287 -7.05 -31.16 -5.97
N TYR A 288 -6.72 -32.40 -5.53
CA TYR A 288 -5.79 -32.61 -4.43
C TYR A 288 -4.45 -31.97 -4.77
N MET A 289 -3.87 -32.26 -5.96
CA MET A 289 -2.57 -31.70 -6.32
C MET A 289 -2.65 -30.18 -6.34
N ILE A 290 -3.70 -29.57 -6.92
CA ILE A 290 -3.70 -28.11 -6.99
C ILE A 290 -3.97 -27.46 -5.65
N THR A 291 -4.68 -28.12 -4.74
CA THR A 291 -4.85 -27.67 -3.38
C THR A 291 -3.49 -27.54 -2.74
N GLY A 292 -2.67 -28.56 -2.90
CA GLY A 292 -1.34 -28.45 -2.38
C GLY A 292 -0.52 -27.28 -2.94
N LEU A 293 -0.58 -27.01 -4.27
CA LEU A 293 0.25 -25.96 -4.81
C LEU A 293 -0.31 -24.59 -4.36
N ILE A 294 -1.61 -24.48 -4.07
CA ILE A 294 -2.18 -23.26 -3.54
C ILE A 294 -1.61 -22.99 -2.18
N PHE A 295 -1.58 -24.01 -1.31
CA PHE A 295 -1.09 -23.78 0.02
C PHE A 295 0.43 -23.53 -0.01
N ALA A 296 1.20 -24.41 -0.68
CA ALA A 296 2.62 -24.26 -0.84
C ALA A 296 3.00 -22.90 -1.46
N GLY A 297 2.16 -22.42 -2.36
CA GLY A 297 2.48 -21.23 -3.14
C GLY A 297 2.21 -19.93 -2.36
N HIS A 298 1.44 -19.95 -1.26
CA HIS A 298 1.02 -18.71 -0.61
C HIS A 298 1.53 -18.61 0.83
N ASP A 299 1.52 -19.70 1.61
CA ASP A 299 1.85 -19.62 3.02
C ASP A 299 3.31 -19.22 3.26
N THR A 300 4.23 -20.02 2.79
CA THR A 300 5.63 -19.64 2.86
C THR A 300 5.90 -18.28 2.24
N THR A 301 5.44 -18.05 1.01
CA THR A 301 5.67 -16.76 0.36
C THR A 301 5.11 -15.61 1.19
N GLY A 302 3.90 -15.74 1.70
CA GLY A 302 3.28 -14.65 2.42
C GLY A 302 4.00 -14.38 3.73
N SER A 303 4.48 -15.44 4.40
CA SER A 303 5.33 -15.24 5.57
C SER A 303 6.61 -14.46 5.22
N PHE A 304 7.31 -14.84 4.15
CA PHE A 304 8.47 -14.13 3.71
C PHE A 304 8.20 -12.69 3.33
N LEU A 305 7.13 -12.47 2.53
CA LEU A 305 6.83 -11.13 2.11
C LEU A 305 6.60 -10.16 3.23
N GLY A 306 6.03 -10.58 4.38
CA GLY A 306 5.85 -9.70 5.51
C GLY A 306 7.22 -9.20 5.95
N PHE A 307 8.21 -10.13 6.07
CA PHE A 307 9.55 -9.69 6.43
C PHE A 307 10.22 -8.81 5.36
N LEU A 308 10.04 -9.11 4.08
CA LEU A 308 10.68 -8.36 3.02
C LEU A 308 10.11 -6.93 3.03
N LEU A 309 8.79 -6.85 3.19
CA LEU A 309 8.08 -5.54 3.27
C LEU A 309 8.64 -4.72 4.42
N ALA A 310 8.77 -5.34 5.60
CA ALA A 310 9.33 -4.64 6.75
C ALA A 310 10.72 -4.07 6.45
N GLU A 311 11.58 -4.82 5.78
CA GLU A 311 12.92 -4.33 5.53
C GLU A 311 12.94 -3.21 4.49
N VAL A 312 12.06 -3.24 3.47
CA VAL A 312 11.98 -2.24 2.46
C VAL A 312 11.43 -0.95 3.11
N LEU A 313 10.35 -1.09 3.86
CA LEU A 313 9.66 0.03 4.46
C LEU A 313 10.47 0.66 5.55
N ALA A 314 11.42 -0.10 6.16
CA ALA A 314 12.31 0.46 7.13
C ALA A 314 13.33 1.36 6.44
N GLY A 315 13.34 1.39 5.11
CA GLY A 315 14.15 2.34 4.38
C GLY A 315 15.54 1.73 4.13
N ARG A 316 15.65 0.41 4.10
CA ARG A 316 16.95 -0.21 3.88
C ARG A 316 17.35 -0.38 2.41
N LEU A 317 16.42 -0.21 1.47
CA LEU A 317 16.74 -0.34 0.06
C LEU A 317 17.07 1.03 -0.46
N ALA A 318 18.18 1.12 -1.20
CA ALA A 318 18.59 2.40 -1.78
C ALA A 318 17.44 3.04 -2.60
N ALA A 319 17.26 4.37 -2.54
CA ALA A 319 16.13 5.04 -3.19
C ALA A 319 16.23 4.92 -4.72
N ASP A 320 17.45 5.01 -5.23
CA ASP A 320 17.66 4.86 -6.66
C ASP A 320 18.06 3.41 -7.01
N ALA A 321 17.62 2.39 -6.26
CA ALA A 321 18.06 1.04 -6.54
C ALA A 321 17.63 0.57 -7.92
N ASP A 322 18.58 0.09 -8.74
CA ASP A 322 18.29 -0.56 -10.01
C ASP A 322 17.82 -1.99 -9.81
N GLU A 323 17.54 -2.68 -10.91
CA GLU A 323 16.99 -4.02 -10.83
C GLU A 323 17.94 -4.96 -10.08
N ASP A 324 19.23 -4.82 -10.33
CA ASP A 324 20.24 -5.67 -9.73
C ASP A 324 20.28 -5.48 -8.22
N ALA A 325 20.27 -4.23 -7.78
CA ALA A 325 20.25 -3.90 -6.37
C ALA A 325 18.98 -4.43 -5.71
N VAL A 326 17.82 -4.33 -6.40
CA VAL A 326 16.63 -4.91 -5.82
C VAL A 326 16.79 -6.44 -5.62
N SER A 327 17.29 -7.15 -6.62
CA SER A 327 17.33 -8.62 -6.58
C SER A 327 18.36 -9.04 -5.52
N ARG A 328 19.40 -8.24 -5.29
CA ARG A 328 20.37 -8.51 -4.21
C ARG A 328 19.77 -8.29 -2.83
N PHE A 329 18.90 -7.25 -2.73
CA PHE A 329 18.15 -7.00 -1.52
C PHE A 329 17.20 -8.14 -1.17
N VAL A 330 16.50 -8.67 -2.18
CA VAL A 330 15.61 -9.78 -1.98
C VAL A 330 16.44 -10.99 -1.52
N GLU A 331 17.55 -11.20 -2.17
CA GLU A 331 18.44 -12.35 -1.84
C GLU A 331 18.85 -12.29 -0.35
N GLU A 332 19.26 -11.12 0.13
CA GLU A 332 19.70 -10.97 1.53
C GLU A 332 18.52 -11.24 2.45
N ALA A 333 17.32 -10.73 2.09
CA ALA A 333 16.16 -11.00 2.89
C ALA A 333 15.77 -12.48 2.98
N LEU A 334 16.05 -13.23 1.92
CA LEU A 334 15.79 -14.66 1.93
C LEU A 334 16.80 -15.37 2.83
N ARG A 335 18.04 -14.91 2.84
CA ARG A 335 18.99 -15.42 3.84
C ARG A 335 18.51 -15.14 5.27
N TYR A 336 18.24 -13.87 5.51
CA TYR A 336 18.08 -13.33 6.85
C TYR A 336 16.72 -13.69 7.49
N HIS A 337 15.64 -13.79 6.69
CA HIS A 337 14.33 -14.07 7.25
C HIS A 337 13.70 -15.30 6.61
N PRO A 338 14.29 -16.48 6.76
CA PRO A 338 13.71 -17.68 6.19
C PRO A 338 12.40 -17.97 6.90
N PRO A 339 11.32 -18.24 6.18
CA PRO A 339 10.03 -18.50 6.81
C PRO A 339 9.88 -19.92 7.40
N VAL A 340 10.72 -20.81 6.89
CA VAL A 340 10.71 -22.21 7.24
C VAL A 340 12.02 -22.44 7.97
N PRO A 341 12.02 -22.74 9.30
CA PRO A 341 13.27 -22.82 10.05
C PRO A 341 14.05 -24.13 9.96
N TYR A 342 13.37 -25.22 9.65
CA TYR A 342 13.98 -26.52 9.43
C TYR A 342 13.41 -27.12 8.16
N THR A 343 14.17 -27.99 7.50
CA THR A 343 13.57 -28.86 6.53
C THR A 343 12.40 -29.68 7.09
N LEU A 344 11.52 -30.15 6.16
CA LEU A 344 10.47 -31.09 6.53
C LEU A 344 11.11 -32.39 7.09
N TRP A 345 10.39 -33.18 7.90
CA TRP A 345 10.99 -34.34 8.53
C TRP A 345 11.53 -35.31 7.50
N ARG A 346 12.76 -35.79 7.76
CA ARG A 346 13.27 -36.94 7.05
C ARG A 346 13.58 -38.01 8.11
N PHE A 347 13.63 -39.25 7.65
CA PHE A 347 13.86 -40.35 8.54
C PHE A 347 14.92 -41.21 7.92
N ALA A 348 15.84 -41.69 8.77
CA ALA A 348 16.84 -42.61 8.30
C ALA A 348 16.22 -43.95 7.92
N ALA A 349 16.51 -44.44 6.72
CA ALA A 349 15.91 -45.67 6.23
C ALA A 349 16.66 -46.89 6.76
N THR A 350 17.90 -46.65 7.17
CA THR A 350 18.74 -47.65 7.78
C THR A 350 19.56 -46.95 8.85
N GLU A 351 20.39 -47.73 9.58
CA GLU A 351 21.33 -47.11 10.48
C GLU A 351 22.32 -46.31 9.65
N VAL A 352 22.61 -45.11 10.11
CA VAL A 352 23.49 -44.21 9.39
C VAL A 352 24.49 -43.69 10.42
N THR A 353 25.77 -43.65 10.05
CA THR A 353 26.73 -42.83 10.77
C THR A 353 27.13 -41.59 9.96
N ILE A 354 26.90 -40.40 10.48
CA ILE A 354 27.01 -39.16 9.73
C ILE A 354 27.55 -38.11 10.69
N GLY A 355 28.56 -37.32 10.26
CA GLY A 355 29.26 -36.38 11.13
C GLY A 355 29.79 -37.07 12.39
N GLY A 356 30.15 -38.35 12.33
CA GLY A 356 30.74 -39.01 13.49
C GLY A 356 29.72 -39.72 14.37
N VAL A 357 28.42 -39.43 14.18
CA VAL A 357 27.34 -39.87 15.08
C VAL A 357 26.59 -41.05 14.49
N ARG A 358 26.22 -42.04 15.31
CA ARG A 358 25.39 -43.15 14.87
C ARG A 358 23.89 -42.83 15.04
N LEU A 359 23.13 -42.81 13.92
CA LEU A 359 21.70 -42.57 13.96
C LEU A 359 20.99 -43.89 13.74
N PRO A 360 19.97 -44.27 14.56
CA PRO A 360 19.25 -45.52 14.35
C PRO A 360 18.32 -45.47 13.15
N ARG A 361 17.97 -46.65 12.63
CA ARG A 361 16.89 -46.73 11.63
C ARG A 361 15.63 -46.13 12.21
N GLY A 362 15.00 -45.23 11.45
CA GLY A 362 13.82 -44.51 11.89
C GLY A 362 14.12 -43.11 12.41
N ALA A 363 15.40 -42.82 12.71
CA ALA A 363 15.82 -41.53 13.27
C ALA A 363 15.22 -40.33 12.55
N PRO A 364 14.48 -39.48 13.28
CA PRO A 364 13.95 -38.25 12.64
C PRO A 364 14.98 -37.13 12.61
N VAL A 365 15.22 -36.61 11.40
CA VAL A 365 16.30 -35.69 11.13
C VAL A 365 15.78 -34.39 10.55
N LEU A 366 16.31 -33.31 11.13
CA LEU A 366 16.01 -31.94 10.68
C LEU A 366 17.30 -31.24 10.25
N VAL A 367 17.27 -30.50 9.15
CA VAL A 367 18.34 -29.58 8.78
C VAL A 367 17.93 -28.20 9.26
N ASP A 368 18.86 -27.52 9.94
CA ASP A 368 18.62 -26.23 10.55
C ASP A 368 18.88 -25.12 9.50
N ILE A 369 17.81 -24.71 8.83
CA ILE A 369 17.83 -23.63 7.84
C ILE A 369 18.10 -22.26 8.47
N GLU A 370 17.36 -21.89 9.48
CA GLU A 370 17.51 -20.60 10.10
C GLU A 370 18.87 -20.46 10.77
N GLY A 371 19.35 -21.56 11.36
CA GLY A 371 20.65 -21.51 12.02
C GLY A 371 21.82 -21.50 11.03
N THR A 372 21.79 -22.31 9.98
CA THR A 372 22.87 -22.31 9.01
C THR A 372 22.90 -20.99 8.24
N ASN A 373 21.71 -20.42 7.93
CA ASN A 373 21.65 -19.13 7.25
C ASN A 373 22.30 -18.01 8.09
N THR A 374 22.43 -18.20 9.44
CA THR A 374 22.96 -17.16 10.30
C THR A 374 24.16 -17.73 11.07
N ASP A 375 24.95 -18.60 10.42
CA ASP A 375 26.20 -19.14 10.93
C ASP A 375 27.36 -18.25 10.50
N GLY A 376 28.05 -17.67 11.49
CA GLY A 376 29.23 -16.83 11.30
C GLY A 376 30.38 -17.53 10.56
N ARG A 377 30.39 -18.85 10.55
CA ARG A 377 31.38 -19.57 9.77
C ARG A 377 31.20 -19.32 8.28
N HIS A 378 30.05 -18.88 7.79
CA HIS A 378 29.95 -18.63 6.36
C HIS A 378 29.46 -17.24 6.01
N HIS A 379 29.14 -16.41 7.01
CA HIS A 379 28.51 -15.13 6.77
C HIS A 379 29.07 -14.16 7.80
N ASP A 380 29.87 -13.18 7.37
CA ASP A 380 30.37 -12.15 8.26
C ASP A 380 29.20 -11.34 8.83
N ALA A 381 29.21 -11.02 10.11
CA ALA A 381 28.07 -10.36 10.73
C ALA A 381 26.74 -11.01 10.27
N PRO A 382 26.53 -12.30 10.67
CA PRO A 382 25.41 -13.15 10.26
C PRO A 382 24.06 -12.65 10.73
N HIS A 383 24.06 -11.81 11.81
CA HIS A 383 22.81 -11.26 12.29
C HIS A 383 22.56 -9.81 11.84
N ALA A 384 23.44 -9.27 10.98
CA ALA A 384 23.22 -8.01 10.28
C ALA A 384 22.62 -8.20 8.90
N PHE A 385 21.76 -7.23 8.53
CA PHE A 385 21.13 -7.21 7.22
C PHE A 385 22.02 -6.38 6.28
N HIS A 386 22.74 -7.03 5.36
CA HIS A 386 23.74 -6.41 4.51
C HIS A 386 23.48 -6.83 3.05
N PRO A 387 22.62 -6.09 2.31
CA PRO A 387 22.30 -6.49 0.93
C PRO A 387 23.48 -6.54 -0.05
N ASP A 388 24.62 -5.86 0.23
CA ASP A 388 25.77 -5.77 -0.66
C ASP A 388 26.81 -6.83 -0.32
N ARG A 389 26.45 -7.65 0.66
CA ARG A 389 27.22 -8.82 1.01
C ARG A 389 27.51 -9.66 -0.23
N PRO A 390 28.74 -10.19 -0.41
CA PRO A 390 28.94 -11.18 -1.46
C PRO A 390 27.92 -12.31 -1.36
N SER A 391 27.39 -12.68 -2.52
CA SER A 391 26.36 -13.69 -2.65
C SER A 391 26.96 -15.04 -2.26
N TRP A 392 26.29 -15.70 -1.32
CA TRP A 392 26.70 -17.01 -0.87
C TRP A 392 25.43 -17.84 -0.73
N ARG A 393 25.59 -19.18 -0.81
CA ARG A 393 24.46 -20.09 -0.68
C ARG A 393 23.78 -19.96 0.70
N ARG A 394 22.55 -20.44 0.75
CA ARG A 394 21.63 -20.40 1.87
C ARG A 394 20.75 -21.64 1.73
N LEU A 395 19.94 -21.95 2.75
CA LEU A 395 19.13 -23.15 2.67
C LEU A 395 17.65 -22.85 2.73
N THR A 396 17.29 -21.57 2.46
CA THR A 396 15.92 -21.11 2.56
C THR A 396 14.93 -21.86 1.68
N PHE A 397 15.35 -22.37 0.52
CA PHE A 397 14.49 -23.15 -0.37
C PHE A 397 14.82 -24.65 -0.34
N GLY A 398 15.59 -25.07 0.66
CA GLY A 398 16.02 -26.45 0.64
C GLY A 398 17.18 -26.71 -0.29
N ASP A 399 17.43 -28.03 -0.46
CA ASP A 399 18.46 -28.54 -1.33
C ASP A 399 18.12 -30.00 -1.63
N GLY A 400 18.89 -30.58 -2.54
CA GLY A 400 18.70 -31.94 -2.97
C GLY A 400 17.44 -32.09 -3.83
N PRO A 401 16.92 -33.33 -4.00
CA PRO A 401 15.83 -33.55 -4.93
C PRO A 401 14.59 -32.70 -4.65
N HIS A 402 14.36 -32.36 -3.37
CA HIS A 402 13.12 -31.70 -2.98
C HIS A 402 13.26 -30.19 -2.94
N TYR A 403 14.23 -29.62 -3.66
CA TYR A 403 14.45 -28.17 -3.71
C TYR A 403 13.17 -27.51 -4.21
N CYS A 404 12.86 -26.35 -3.63
CA CYS A 404 11.63 -25.61 -3.90
C CYS A 404 11.39 -25.48 -5.39
N ILE A 405 10.22 -25.93 -5.87
CA ILE A 405 9.93 -25.75 -7.28
C ILE A 405 9.36 -24.32 -7.54
N GLY A 406 9.00 -23.66 -6.49
CA GLY A 406 8.43 -22.30 -6.54
C GLY A 406 9.41 -21.13 -6.46
N GLU A 407 10.75 -21.35 -6.43
CA GLU A 407 11.71 -20.29 -6.18
C GLU A 407 11.66 -19.20 -7.24
N GLN A 408 11.49 -19.57 -8.50
CA GLN A 408 11.45 -18.58 -9.56
C GLN A 408 10.21 -17.69 -9.40
N LEU A 409 9.08 -18.34 -9.08
CA LEU A 409 7.83 -17.60 -8.85
C LEU A 409 7.93 -16.70 -7.64
N ALA A 410 8.42 -17.20 -6.52
CA ALA A 410 8.55 -16.40 -5.31
C ALA A 410 9.44 -15.18 -5.47
N GLN A 411 10.59 -15.35 -6.15
CA GLN A 411 11.43 -14.25 -6.60
C GLN A 411 10.69 -13.23 -7.49
N LEU A 412 10.01 -13.67 -8.54
CA LEU A 412 9.25 -12.79 -9.43
C LEU A 412 8.28 -11.98 -8.59
N GLU A 413 7.56 -12.63 -7.70
CA GLU A 413 6.53 -11.93 -6.90
C GLU A 413 7.17 -10.87 -6.02
N SER A 414 8.29 -11.19 -5.37
CA SER A 414 9.11 -10.33 -4.53
C SER A 414 9.53 -9.08 -5.27
N ARG A 415 10.19 -9.27 -6.41
CA ARG A 415 10.70 -8.10 -7.11
C ARG A 415 9.53 -7.28 -7.71
N THR A 416 8.45 -7.95 -8.10
CA THR A 416 7.32 -7.23 -8.69
C THR A 416 6.63 -6.37 -7.62
N MET A 417 6.44 -6.89 -6.41
CA MET A 417 5.88 -6.21 -5.26
C MET A 417 6.68 -4.95 -4.94
N ILE A 418 8.03 -5.03 -4.95
CA ILE A 418 8.87 -3.88 -4.67
C ILE A 418 8.77 -2.84 -5.74
N GLY A 419 8.68 -3.26 -7.01
CA GLY A 419 8.48 -2.32 -8.11
C GLY A 419 7.18 -1.51 -7.92
N VAL A 420 6.12 -2.25 -7.56
CA VAL A 420 4.82 -1.58 -7.42
C VAL A 420 4.94 -0.59 -6.27
N LEU A 421 5.45 -1.07 -5.11
CA LEU A 421 5.58 -0.21 -3.96
C LEU A 421 6.36 1.06 -4.26
N ARG A 422 7.55 0.89 -4.86
CA ARG A 422 8.46 1.99 -5.17
C ARG A 422 7.86 2.97 -6.17
N SER A 423 7.07 2.51 -7.13
CA SER A 423 6.61 3.35 -8.17
C SER A 423 5.29 4.03 -7.74
N ARG A 424 4.41 3.31 -7.04
CA ARG A 424 3.05 3.78 -6.74
C ARG A 424 2.87 4.28 -5.30
N PHE A 425 3.73 3.88 -4.40
CA PHE A 425 3.69 4.27 -3.00
C PHE A 425 5.09 4.66 -2.53
N PRO A 426 5.75 5.62 -3.23
CA PRO A 426 7.14 5.95 -2.94
C PRO A 426 7.36 6.47 -1.55
N GLU A 427 6.33 6.95 -0.85
CA GLU A 427 6.54 7.47 0.50
C GLU A 427 6.06 6.51 1.60
N ALA A 428 5.75 5.29 1.27
CA ALA A 428 5.27 4.33 2.25
C ALA A 428 6.28 4.23 3.38
N ARG A 429 5.77 4.25 4.58
CA ARG A 429 6.65 4.02 5.73
C ARG A 429 5.97 3.20 6.82
N LEU A 430 6.79 2.63 7.70
CA LEU A 430 6.27 1.97 8.89
C LEU A 430 5.53 2.93 9.77
N ALA A 431 4.43 2.46 10.36
CA ALA A 431 3.65 3.26 11.28
C ALA A 431 4.14 3.04 12.72
N VAL A 432 5.05 2.11 12.92
CA VAL A 432 5.74 1.91 14.20
C VAL A 432 7.23 1.69 13.90
N PRO A 433 8.16 1.94 14.85
CA PRO A 433 9.57 1.69 14.58
C PRO A 433 9.84 0.23 14.28
N TYR A 434 10.87 0.01 13.46
CA TYR A 434 11.31 -1.29 13.08
C TYR A 434 11.59 -2.15 14.34
N ASP A 435 12.12 -1.50 15.38
CA ASP A 435 12.51 -2.17 16.62
C ASP A 435 11.33 -2.61 17.48
N GLU A 436 10.11 -2.12 17.18
CA GLU A 436 8.90 -2.59 17.84
C GLU A 436 8.19 -3.72 17.10
N LEU A 437 8.63 -4.10 15.90
CA LEU A 437 8.05 -5.24 15.18
C LEU A 437 8.48 -6.51 15.89
N ARG A 438 7.62 -7.52 15.85
CA ARG A 438 7.81 -8.81 16.47
C ARG A 438 7.39 -9.90 15.51
N TRP A 439 8.10 -11.03 15.57
CA TRP A 439 7.66 -12.20 14.87
C TRP A 439 7.72 -13.45 15.74
N CYS A 440 7.03 -14.48 15.27
CA CYS A 440 6.89 -15.74 16.00
C CYS A 440 6.45 -16.86 15.08
N ARG A 441 6.52 -18.11 15.60
CA ARG A 441 5.96 -19.27 14.93
C ARG A 441 5.61 -20.30 15.98
N LYS A 442 4.50 -21.01 15.84
CA LYS A 442 4.25 -22.14 16.73
C LYS A 442 4.33 -23.44 15.94
N GLY A 443 5.01 -24.44 16.49
CA GLY A 443 5.05 -25.74 15.87
C GLY A 443 5.69 -25.69 14.47
N ALA A 444 5.02 -26.31 13.52
CA ALA A 444 5.58 -26.42 12.18
C ALA A 444 5.11 -25.26 11.30
N GLN A 445 4.53 -24.23 11.87
CA GLN A 445 4.08 -23.14 11.05
C GLN A 445 5.21 -22.19 10.65
N THR A 446 4.97 -21.44 9.55
CA THR A 446 5.99 -20.57 9.03
C THR A 446 6.13 -19.39 9.97
N ALA A 447 7.35 -18.87 10.14
CA ALA A 447 7.59 -17.62 10.86
C ALA A 447 6.82 -16.45 10.25
N ARG A 448 6.28 -15.57 11.08
CA ARG A 448 5.51 -14.43 10.57
C ARG A 448 5.49 -13.30 11.59
N LEU A 449 5.56 -12.10 11.05
CA LEU A 449 5.30 -10.89 11.84
C LEU A 449 3.91 -10.92 12.49
N THR A 450 3.78 -10.34 13.69
CA THR A 450 2.48 -10.28 14.36
C THR A 450 1.58 -9.27 13.63
N GLU A 451 2.15 -8.22 13.07
CA GLU A 451 1.43 -7.23 12.29
C GLU A 451 2.49 -6.36 11.62
N LEU A 452 2.08 -5.59 10.61
CA LEU A 452 3.01 -4.70 9.95
C LEU A 452 2.22 -3.43 9.59
N PRO A 453 2.16 -2.52 10.55
CA PRO A 453 1.36 -1.29 10.38
C PRO A 453 2.11 -0.29 9.52
N VAL A 454 1.50 0.17 8.40
CA VAL A 454 2.14 1.04 7.44
C VAL A 454 1.26 2.27 7.06
N TRP A 455 1.88 3.43 6.87
CA TRP A 455 1.25 4.58 6.15
C TRP A 455 1.71 4.58 4.70
N LEU A 456 0.82 4.18 3.79
CA LEU A 456 1.22 3.88 2.44
C LEU A 456 1.38 5.18 1.62
N ARG A 457 0.73 6.26 1.97
CA ARG A 457 0.97 7.53 1.29
C ARG A 457 0.51 8.72 2.17
N GLY B 38 0.09 13.95 -36.03
CA GLY B 38 -0.32 13.44 -34.72
C GLY B 38 -0.95 14.52 -33.82
N GLU B 39 -1.95 15.26 -34.36
CA GLU B 39 -2.65 16.31 -33.63
C GLU B 39 -3.79 15.71 -32.81
N ALA B 40 -4.12 16.33 -31.68
CA ALA B 40 -5.20 15.83 -30.86
C ALA B 40 -6.55 16.22 -31.49
N PRO B 41 -7.67 15.54 -31.19
CA PRO B 41 -8.97 16.20 -31.39
C PRO B 41 -8.98 17.52 -30.62
N ARG B 42 -9.66 18.54 -31.13
CA ARG B 42 -9.68 19.85 -30.51
C ARG B 42 -11.12 20.21 -30.14
N VAL B 43 -11.33 20.70 -28.94
CA VAL B 43 -12.57 21.30 -28.49
C VAL B 43 -12.20 22.71 -28.04
N ALA B 44 -12.59 23.68 -28.87
CA ALA B 44 -12.20 25.07 -28.78
C ALA B 44 -12.97 25.78 -27.66
N VAL B 45 -12.70 25.42 -26.39
CA VAL B 45 -13.28 26.10 -25.26
C VAL B 45 -12.26 26.25 -24.14
N ASP B 46 -12.57 27.12 -23.18
CA ASP B 46 -11.82 27.14 -21.93
C ASP B 46 -12.22 25.93 -21.08
N PRO B 47 -11.28 25.08 -20.64
CA PRO B 47 -11.63 24.01 -19.72
C PRO B 47 -12.08 24.42 -18.33
N PHE B 48 -11.82 25.67 -17.93
CA PHE B 48 -12.24 26.19 -16.64
C PHE B 48 -13.62 26.79 -16.65
N ALA B 49 -14.23 26.92 -17.84
CA ALA B 49 -15.59 27.40 -17.97
C ALA B 49 -16.53 26.59 -17.08
N CYS B 50 -17.31 27.36 -16.30
CA CYS B 50 -18.17 26.78 -15.29
C CYS B 50 -19.40 27.67 -15.20
N PRO B 51 -20.56 27.26 -15.71
CA PRO B 51 -21.76 28.03 -15.40
C PRO B 51 -22.18 27.76 -13.96
N MET B 52 -23.18 28.46 -13.46
CA MET B 52 -23.67 28.17 -12.13
C MET B 52 -24.21 26.73 -12.11
N MET B 53 -23.79 25.89 -11.17
CA MET B 53 -24.11 24.48 -11.24
C MET B 53 -25.06 24.07 -10.13
N THR B 54 -25.90 23.05 -10.36
CA THR B 54 -26.67 22.33 -9.35
C THR B 54 -25.77 21.28 -8.68
N MET B 55 -26.20 20.81 -7.51
CA MET B 55 -25.40 19.88 -6.73
C MET B 55 -25.16 18.58 -7.47
N GLN B 56 -26.08 18.19 -8.35
CA GLN B 56 -26.00 16.85 -8.92
C GLN B 56 -25.28 16.84 -10.28
N ARG B 57 -24.86 18.00 -10.79
CA ARG B 57 -24.35 18.06 -12.15
C ARG B 57 -22.90 18.51 -12.15
N LYS B 58 -22.14 18.12 -13.18
CA LYS B 58 -20.85 18.72 -13.49
C LYS B 58 -20.87 19.48 -14.84
N PRO B 59 -19.95 20.47 -15.07
CA PRO B 59 -19.86 21.16 -16.37
C PRO B 59 -19.80 20.17 -17.53
N GLU B 60 -20.58 20.49 -18.60
CA GLU B 60 -20.72 19.65 -19.76
C GLU B 60 -19.38 19.57 -20.49
N VAL B 61 -18.38 20.43 -20.18
CA VAL B 61 -17.14 20.45 -20.96
C VAL B 61 -16.44 19.11 -20.74
N HIS B 62 -16.64 18.50 -19.56
CA HIS B 62 -15.99 17.22 -19.23
C HIS B 62 -16.42 16.07 -20.16
N ASP B 63 -17.72 16.06 -20.52
CA ASP B 63 -18.30 15.05 -21.39
C ASP B 63 -17.81 15.31 -22.81
N ALA B 64 -17.77 16.60 -23.22
CA ALA B 64 -17.31 16.96 -24.56
C ALA B 64 -15.85 16.56 -24.74
N PHE B 65 -15.03 16.77 -23.72
CA PHE B 65 -13.63 16.39 -23.80
C PHE B 65 -13.56 14.87 -23.92
N ARG B 66 -14.26 14.18 -23.03
CA ARG B 66 -14.17 12.74 -22.95
C ARG B 66 -14.57 12.08 -24.26
N GLU B 67 -15.60 12.62 -24.91
CA GLU B 67 -16.07 12.07 -26.17
C GLU B 67 -15.09 12.36 -27.28
N ALA B 68 -14.33 13.45 -27.16
CA ALA B 68 -13.36 13.80 -28.17
C ALA B 68 -12.21 12.81 -28.19
N GLY B 69 -11.71 12.39 -27.02
CA GLY B 69 -10.67 11.37 -26.94
C GLY B 69 -9.87 11.51 -25.65
N PRO B 70 -8.83 10.67 -25.46
CA PRO B 70 -8.07 10.66 -24.21
C PRO B 70 -7.19 11.89 -23.99
N VAL B 71 -6.77 12.50 -25.09
CA VAL B 71 -5.93 13.70 -25.06
C VAL B 71 -6.60 14.75 -25.96
N VAL B 72 -7.09 15.85 -25.40
CA VAL B 72 -7.84 16.83 -26.18
C VAL B 72 -7.17 18.19 -26.12
N GLU B 73 -6.95 18.81 -27.29
CA GLU B 73 -6.47 20.17 -27.32
C GLU B 73 -7.63 21.12 -27.04
N VAL B 74 -7.38 22.10 -26.18
CA VAL B 74 -8.34 23.12 -25.79
C VAL B 74 -7.66 24.49 -25.84
N ASN B 75 -8.38 25.57 -25.44
CA ASN B 75 -7.84 26.92 -25.37
C ASN B 75 -7.49 27.25 -23.92
N ALA B 76 -6.19 27.39 -23.64
CA ALA B 76 -5.75 27.96 -22.36
C ALA B 76 -6.30 29.36 -22.11
N PRO B 77 -6.78 29.67 -20.88
CA PRO B 77 -7.43 30.95 -20.61
C PRO B 77 -6.57 32.18 -20.81
N ALA B 78 -5.22 32.10 -20.66
CA ALA B 78 -4.30 33.21 -20.91
C ALA B 78 -3.59 33.13 -22.25
N GLY B 79 -4.06 32.28 -23.16
CA GLY B 79 -3.60 32.38 -24.54
C GLY B 79 -2.88 31.12 -24.98
N GLY B 80 -3.08 30.74 -26.23
CA GLY B 80 -2.43 29.53 -26.75
C GLY B 80 -3.14 28.23 -26.38
N PRO B 81 -2.66 27.08 -26.91
CA PRO B 81 -3.28 25.79 -26.63
C PRO B 81 -2.97 25.27 -25.25
N ALA B 82 -3.83 24.34 -24.81
CA ALA B 82 -3.53 23.42 -23.72
C ALA B 82 -4.10 22.04 -24.07
N TRP B 83 -3.71 20.99 -23.32
CA TRP B 83 -4.17 19.65 -23.64
C TRP B 83 -4.72 19.06 -22.34
N VAL B 84 -5.92 18.51 -22.43
CA VAL B 84 -6.53 17.85 -21.29
C VAL B 84 -6.52 16.33 -21.43
N ILE B 85 -6.20 15.62 -20.33
CA ILE B 85 -6.21 14.18 -20.28
C ILE B 85 -7.53 13.74 -19.64
N THR B 86 -8.29 12.89 -20.32
CA THR B 86 -9.68 12.59 -19.91
C THR B 86 -9.80 11.14 -19.44
N ASP B 87 -8.68 10.43 -19.42
CA ASP B 87 -8.62 9.01 -19.17
C ASP B 87 -7.78 8.77 -17.92
N ASP B 88 -8.36 8.04 -16.94
CA ASP B 88 -7.78 7.85 -15.62
C ASP B 88 -6.43 7.15 -15.75
N ALA B 89 -6.40 6.02 -16.42
CA ALA B 89 -5.13 5.31 -16.52
C ALA B 89 -4.03 6.21 -17.14
N LEU B 90 -4.36 6.85 -18.25
CA LEU B 90 -3.34 7.61 -18.96
C LEU B 90 -2.92 8.81 -18.10
N ALA B 91 -3.85 9.40 -17.34
CA ALA B 91 -3.60 10.50 -16.41
C ALA B 91 -2.58 10.10 -15.35
N ARG B 92 -2.76 8.89 -14.80
CA ARG B 92 -1.80 8.37 -13.82
C ARG B 92 -0.41 8.15 -14.46
N GLU B 93 -0.33 7.73 -15.72
CA GLU B 93 0.96 7.62 -16.37
C GLU B 93 1.61 9.00 -16.50
N VAL B 94 0.83 10.01 -16.92
CA VAL B 94 1.39 11.33 -17.16
C VAL B 94 1.91 11.91 -15.85
N LEU B 95 1.15 11.71 -14.77
CA LEU B 95 1.45 12.31 -13.48
C LEU B 95 2.69 11.69 -12.85
N ALA B 96 3.09 10.51 -13.29
CA ALA B 96 4.28 9.84 -12.80
C ALA B 96 5.41 9.90 -13.83
N ASP B 97 5.18 10.59 -14.96
CA ASP B 97 6.16 10.68 -16.02
C ASP B 97 7.03 11.92 -15.80
N PRO B 98 8.37 11.73 -15.62
CA PRO B 98 9.27 12.85 -15.33
C PRO B 98 9.38 13.90 -16.45
N ARG B 99 8.87 13.59 -17.65
CA ARG B 99 8.90 14.53 -18.77
C ARG B 99 7.81 15.61 -18.66
N PHE B 100 6.84 15.44 -17.74
CA PHE B 100 5.85 16.46 -17.50
C PHE B 100 6.20 17.12 -16.17
N VAL B 101 6.60 18.40 -16.18
CA VAL B 101 7.18 19.05 -15.03
C VAL B 101 6.34 20.25 -14.63
N LYS B 102 6.52 20.69 -13.41
CA LYS B 102 5.81 21.84 -12.90
C LYS B 102 6.47 23.14 -13.39
N ASP B 103 7.74 23.06 -13.78
CA ASP B 103 8.61 24.20 -14.03
C ASP B 103 7.87 25.40 -14.63
N PRO B 104 7.58 26.47 -13.84
CA PRO B 104 6.72 27.57 -14.34
C PRO B 104 7.41 28.41 -15.43
N ASP B 105 8.74 28.30 -15.52
CA ASP B 105 9.47 28.93 -16.60
C ASP B 105 9.14 28.35 -17.98
N LEU B 106 8.51 27.16 -18.05
CA LEU B 106 8.12 26.58 -19.34
C LEU B 106 6.80 27.14 -19.85
N ALA B 107 6.11 27.90 -19.01
CA ALA B 107 4.81 28.46 -19.35
C ALA B 107 4.94 29.51 -20.46
N PRO B 108 3.93 29.70 -21.30
CA PRO B 108 3.99 30.76 -22.31
C PRO B 108 4.33 32.13 -21.68
N ALA B 109 5.20 32.92 -22.35
CA ALA B 109 5.56 34.28 -21.97
C ALA B 109 4.30 35.13 -21.71
N ALA B 110 3.28 34.92 -22.54
CA ALA B 110 2.03 35.66 -22.48
C ALA B 110 1.33 35.53 -21.12
N TRP B 111 1.53 34.39 -20.44
CA TRP B 111 0.79 34.09 -19.23
C TRP B 111 1.33 34.89 -18.05
N ARG B 112 2.58 35.29 -18.09
CA ARG B 112 3.21 35.89 -16.93
C ARG B 112 2.65 37.28 -16.73
N GLY B 113 2.09 37.43 -15.54
CA GLY B 113 1.40 38.65 -15.19
C GLY B 113 -0.09 38.57 -15.45
N VAL B 114 -0.58 37.53 -16.17
CA VAL B 114 -1.98 37.45 -16.55
C VAL B 114 -2.70 36.21 -16.00
N ASP B 115 -2.15 34.99 -16.14
CA ASP B 115 -2.94 33.77 -15.99
C ASP B 115 -3.35 33.57 -14.53
N ASP B 116 -2.48 33.95 -13.58
CA ASP B 116 -2.87 33.91 -12.17
C ASP B 116 -3.10 32.47 -11.66
N GLY B 117 -3.63 31.53 -12.47
CA GLY B 117 -3.57 30.09 -12.25
C GLY B 117 -2.14 29.60 -12.42
N LEU B 118 -1.23 30.48 -12.91
CA LEU B 118 0.19 30.09 -13.08
C LEU B 118 0.89 30.24 -11.75
N ASP B 119 1.52 29.16 -11.22
CA ASP B 119 2.14 29.24 -9.89
C ASP B 119 3.63 29.51 -10.07
N ILE B 120 4.05 30.79 -9.90
CA ILE B 120 5.37 31.17 -10.39
C ILE B 120 6.06 32.03 -9.34
N PRO B 121 6.65 31.44 -8.29
CA PRO B 121 7.44 32.20 -7.34
C PRO B 121 8.68 32.79 -7.98
N VAL B 122 9.30 33.78 -7.34
CA VAL B 122 10.61 34.24 -7.77
C VAL B 122 11.56 33.04 -7.75
N PRO B 123 12.53 32.98 -8.68
CA PRO B 123 13.41 31.81 -8.79
C PRO B 123 13.97 31.27 -7.45
N GLU B 124 14.45 32.16 -6.58
CA GLU B 124 15.12 31.80 -5.35
C GLU B 124 14.19 31.22 -4.28
N LEU B 125 12.88 31.32 -4.50
CA LEU B 125 11.96 30.69 -3.58
C LEU B 125 11.31 29.43 -4.19
N ARG B 126 11.58 29.11 -5.45
CA ARG B 126 11.05 27.89 -6.02
C ARG B 126 11.56 26.64 -5.25
N PRO B 127 12.83 26.55 -4.79
CA PRO B 127 13.33 25.39 -3.99
C PRO B 127 12.60 25.17 -2.67
N PHE B 128 11.79 26.18 -2.25
CA PHE B 128 11.00 26.18 -1.02
C PHE B 128 9.53 25.96 -1.29
N THR B 129 9.16 25.65 -2.54
CA THR B 129 7.78 25.59 -2.97
C THR B 129 7.51 24.20 -3.54
N LEU B 130 6.75 23.34 -2.78
CA LEU B 130 6.41 21.98 -3.18
C LEU B 130 5.84 21.94 -4.62
N ILE B 131 4.96 22.90 -4.94
CA ILE B 131 4.34 22.84 -6.24
C ILE B 131 5.20 23.34 -7.42
N ALA B 132 6.40 23.85 -7.20
CA ALA B 132 7.13 24.48 -8.30
C ALA B 132 8.35 23.67 -8.71
N VAL B 133 8.60 22.51 -8.08
CA VAL B 133 9.80 21.75 -8.35
C VAL B 133 9.47 20.28 -8.62
N ASP B 134 10.43 19.56 -9.23
CA ASP B 134 10.34 18.11 -9.44
C ASP B 134 11.67 17.51 -9.04
N GLY B 135 11.83 16.21 -9.26
CA GLY B 135 13.13 15.55 -9.10
C GLY B 135 13.68 15.71 -7.69
N GLU B 136 15.01 15.91 -7.57
CA GLU B 136 15.68 15.87 -6.26
C GLU B 136 15.21 17.03 -5.40
N ALA B 137 14.97 18.20 -6.00
CA ALA B 137 14.52 19.35 -5.23
C ALA B 137 13.15 19.11 -4.59
N HIS B 138 12.29 18.39 -5.35
CA HIS B 138 10.97 18.03 -4.85
C HIS B 138 11.11 16.96 -3.78
N ARG B 139 11.93 15.93 -4.04
CA ARG B 139 12.05 14.88 -3.02
C ARG B 139 12.53 15.44 -1.68
N ARG B 140 13.48 16.39 -1.72
CA ARG B 140 13.96 17.06 -0.50
C ARG B 140 12.82 17.69 0.29
N LEU B 141 11.95 18.41 -0.42
CA LEU B 141 10.81 19.05 0.20
C LEU B 141 9.83 18.05 0.81
N ARG B 142 9.62 16.94 0.11
CA ARG B 142 8.70 15.89 0.59
C ARG B 142 9.31 15.25 1.85
N ARG B 143 10.62 15.09 1.87
CA ARG B 143 11.29 14.62 3.10
C ARG B 143 11.14 15.60 4.29
N ILE B 144 11.22 16.91 4.03
CA ILE B 144 11.09 17.88 5.11
C ILE B 144 9.68 17.82 5.70
N HIS B 145 8.64 17.71 4.85
CA HIS B 145 7.24 17.74 5.27
C HIS B 145 6.72 16.44 5.90
N ALA B 146 7.26 15.27 5.52
CA ALA B 146 6.78 13.97 5.97
C ALA B 146 6.69 13.85 7.49
N PRO B 147 7.73 14.12 8.28
CA PRO B 147 7.60 13.96 9.72
C PRO B 147 6.59 14.93 10.32
N ALA B 148 6.46 16.10 9.72
CA ALA B 148 5.51 17.08 10.23
C ALA B 148 4.06 16.62 10.05
N PHE B 149 3.77 15.83 9.00
CA PHE B 149 2.42 15.35 8.76
C PHE B 149 2.17 13.94 9.28
N ASN B 150 3.09 13.35 10.06
CA ASN B 150 2.89 12.07 10.76
C ASN B 150 1.45 11.92 11.25
N PRO B 151 0.64 11.00 10.70
CA PRO B 151 -0.73 10.79 11.12
C PRO B 151 -0.98 10.54 12.60
N ARG B 152 -0.01 9.94 13.27
CA ARG B 152 -0.14 9.75 14.70
C ARG B 152 -0.13 11.07 15.45
N ARG B 153 0.65 12.03 14.94
CA ARG B 153 0.82 13.34 15.58
C ARG B 153 -0.46 14.14 15.40
N LEU B 154 -1.06 14.02 14.21
CA LEU B 154 -2.35 14.65 13.91
C LEU B 154 -3.47 14.15 14.82
N ALA B 155 -3.58 12.85 14.98
CA ALA B 155 -4.57 12.23 15.84
C ALA B 155 -4.58 12.71 17.28
N GLU B 156 -3.41 13.03 17.84
CA GLU B 156 -3.33 13.56 19.20
C GLU B 156 -4.11 14.89 19.34
N ARG B 157 -4.38 15.55 18.20
CA ARG B 157 -4.99 16.86 18.17
C ARG B 157 -6.48 16.75 17.86
N THR B 158 -7.04 15.52 17.85
CA THR B 158 -8.44 15.31 17.50
C THR B 158 -9.35 16.08 18.46
N ASP B 159 -9.08 15.98 19.78
CA ASP B 159 -9.97 16.72 20.69
C ASP B 159 -9.98 18.23 20.44
N ARG B 160 -8.81 18.80 20.16
CA ARG B 160 -8.68 20.22 19.87
C ARG B 160 -9.38 20.59 18.55
N ILE B 161 -9.24 19.75 17.54
CA ILE B 161 -9.94 19.95 16.29
C ILE B 161 -11.47 19.99 16.52
N ALA B 162 -11.99 19.07 17.36
CA ALA B 162 -13.41 18.97 17.72
C ALA B 162 -13.84 20.25 18.42
N ALA B 163 -12.96 20.75 19.28
CA ALA B 163 -13.28 21.91 20.07
C ALA B 163 -13.38 23.14 19.17
N ILE B 164 -12.46 23.30 18.21
CA ILE B 164 -12.51 24.42 17.28
C ILE B 164 -13.79 24.38 16.44
N ALA B 165 -14.14 23.19 15.94
CA ALA B 165 -15.38 23.03 15.19
C ALA B 165 -16.59 23.39 16.07
N GLY B 166 -16.60 22.87 17.31
CA GLY B 166 -17.71 23.10 18.22
C GLY B 166 -17.86 24.56 18.60
N ARG B 167 -16.75 25.25 18.84
CA ARG B 167 -16.80 26.67 19.19
C ARG B 167 -17.44 27.45 18.02
N LEU B 168 -16.89 27.25 16.81
CA LEU B 168 -17.40 27.94 15.60
C LEU B 168 -18.91 27.72 15.44
N LEU B 169 -19.35 26.46 15.54
CA LEU B 169 -20.77 26.13 15.32
C LEU B 169 -21.69 26.69 16.42
N THR B 170 -21.26 26.65 17.69
CA THR B 170 -22.00 27.23 18.77
C THR B 170 -22.16 28.74 18.55
N GLU B 171 -21.08 29.42 18.11
CA GLU B 171 -21.19 30.86 17.91
C GLU B 171 -22.24 31.17 16.82
N LEU B 172 -22.18 30.39 15.73
CA LEU B 172 -23.08 30.51 14.58
C LEU B 172 -24.53 30.24 14.99
N ALA B 173 -24.76 29.16 15.76
CA ALA B 173 -26.10 28.87 16.28
C ALA B 173 -26.61 30.02 17.17
N ASP B 174 -25.75 30.50 18.06
CA ASP B 174 -26.11 31.62 18.93
C ASP B 174 -26.48 32.89 18.11
N ALA B 175 -25.65 33.18 17.08
CA ALA B 175 -25.88 34.36 16.26
C ALA B 175 -27.22 34.20 15.52
N SER B 176 -27.59 32.99 15.11
CA SER B 176 -28.84 32.75 14.38
C SER B 176 -30.07 32.84 15.31
N GLY B 177 -29.92 32.42 16.57
CA GLY B 177 -30.93 32.69 17.59
C GLY B 177 -31.23 34.19 17.72
N ARG B 178 -30.14 34.99 17.69
CA ARG B 178 -30.24 36.44 17.90
C ARG B 178 -30.81 37.16 16.66
N SER B 179 -30.39 36.73 15.45
CA SER B 179 -30.72 37.43 14.23
C SER B 179 -32.02 36.96 13.62
N GLY B 180 -32.42 35.69 13.76
CA GLY B 180 -33.59 35.20 13.04
C GLY B 180 -33.20 34.81 11.63
N LYS B 181 -31.91 34.70 11.37
CA LYS B 181 -31.48 34.36 10.02
C LYS B 181 -30.79 33.03 10.11
N PRO B 182 -30.78 32.25 9.01
CA PRO B 182 -30.01 31.04 9.03
C PRO B 182 -28.52 31.32 9.11
N ALA B 183 -27.81 30.42 9.78
CA ALA B 183 -26.35 30.39 9.81
C ALA B 183 -25.81 30.07 8.43
N GLU B 184 -24.91 30.91 7.97
CA GLU B 184 -24.38 30.72 6.64
C GLU B 184 -23.05 30.01 6.75
N LEU B 185 -23.01 28.75 6.42
CA LEU B 185 -21.85 27.97 6.85
C LEU B 185 -20.64 28.12 5.94
N ILE B 186 -20.82 28.61 4.72
CA ILE B 186 -19.67 28.76 3.85
C ILE B 186 -18.79 29.88 4.38
N GLY B 187 -19.33 31.08 4.54
CA GLY B 187 -18.55 32.20 5.10
C GLY B 187 -18.26 32.06 6.63
N GLY B 188 -19.09 31.35 7.39
CA GLY B 188 -18.96 31.34 8.84
C GLY B 188 -18.18 30.12 9.37
N PHE B 189 -18.03 29.04 8.58
CA PHE B 189 -17.50 27.77 9.10
C PHE B 189 -16.50 27.16 8.14
N ALA B 190 -16.93 26.93 6.89
CA ALA B 190 -16.20 26.00 6.01
C ALA B 190 -14.72 26.35 5.87
N TYR B 191 -14.36 27.65 5.75
CA TYR B 191 -12.94 28.03 5.60
C TYR B 191 -12.31 28.32 6.97
N HIS B 192 -13.07 28.92 7.88
CA HIS B 192 -12.55 29.28 9.19
C HIS B 192 -12.08 28.03 9.99
N PHE B 193 -12.80 26.93 9.85
CA PHE B 193 -12.50 25.73 10.61
C PHE B 193 -11.14 25.20 10.16
N PRO B 194 -10.92 24.80 8.90
CA PRO B 194 -9.61 24.24 8.54
C PRO B 194 -8.51 25.27 8.65
N LEU B 195 -8.82 26.55 8.46
CA LEU B 195 -7.79 27.56 8.68
C LEU B 195 -7.28 27.59 10.12
N LEU B 196 -8.20 27.55 11.09
CA LEU B 196 -7.83 27.64 12.46
C LEU B 196 -7.05 26.37 12.85
N VAL B 197 -7.41 25.25 12.22
CA VAL B 197 -6.75 23.98 12.50
C VAL B 197 -5.29 24.04 12.05
N ILE B 198 -5.05 24.41 10.79
CA ILE B 198 -3.67 24.39 10.30
C ILE B 198 -2.84 25.47 10.98
N CYS B 199 -3.42 26.64 11.28
CA CYS B 199 -2.70 27.67 12.00
C CYS B 199 -2.28 27.20 13.38
N GLU B 200 -3.16 26.52 14.11
CA GLU B 200 -2.82 26.07 15.43
C GLU B 200 -1.78 24.96 15.34
N LEU B 201 -1.89 24.10 14.37
CA LEU B 201 -0.86 23.06 14.22
C LEU B 201 0.51 23.73 14.01
N LEU B 202 0.58 24.81 13.25
CA LEU B 202 1.81 25.51 12.95
C LEU B 202 2.22 26.52 14.00
N GLY B 203 1.43 26.74 15.07
CA GLY B 203 1.85 27.58 16.19
C GLY B 203 1.56 29.05 15.91
N VAL B 204 0.58 29.29 15.02
CA VAL B 204 0.25 30.64 14.59
C VAL B 204 -1.09 30.99 15.23
N PRO B 205 -1.10 31.81 16.30
CA PRO B 205 -2.30 32.02 17.09
C PRO B 205 -3.22 33.07 16.49
N VAL B 206 -4.01 32.65 15.51
CA VAL B 206 -5.01 33.51 14.87
C VAL B 206 -6.22 33.66 15.77
N THR B 207 -6.69 34.91 15.92
CA THR B 207 -7.91 35.21 16.64
C THR B 207 -9.05 35.58 15.68
N ASP B 208 -8.74 36.16 14.50
CA ASP B 208 -9.78 36.63 13.59
C ASP B 208 -9.68 35.88 12.26
N PRO B 209 -10.40 34.74 12.08
CA PRO B 209 -10.16 33.89 10.93
C PRO B 209 -10.51 34.53 9.57
N ALA B 210 -11.50 35.43 9.57
CA ALA B 210 -11.87 36.12 8.33
C ALA B 210 -10.73 37.03 7.83
N MET B 211 -10.07 37.76 8.72
CA MET B 211 -8.98 38.63 8.33
C MET B 211 -7.70 37.85 8.03
N ALA B 212 -7.47 36.77 8.77
CA ALA B 212 -6.32 35.91 8.47
C ALA B 212 -6.45 35.27 7.09
N ARG B 213 -7.67 34.85 6.75
CA ARG B 213 -7.97 34.30 5.45
C ARG B 213 -7.61 35.31 4.38
N GLU B 214 -8.11 36.55 4.56
CA GLU B 214 -7.86 37.59 3.59
C GLU B 214 -6.37 37.91 3.49
N ALA B 215 -5.67 37.95 4.63
CA ALA B 215 -4.23 38.24 4.59
C ALA B 215 -3.40 37.14 3.96
N VAL B 216 -3.71 35.90 4.30
CA VAL B 216 -2.91 34.79 3.79
C VAL B 216 -3.17 34.65 2.30
N SER B 217 -4.37 35.01 1.80
CA SER B 217 -4.63 35.05 0.36
C SER B 217 -3.78 36.09 -0.39
N VAL B 218 -3.57 37.27 0.17
CA VAL B 218 -2.65 38.25 -0.39
C VAL B 218 -1.22 37.70 -0.37
N LEU B 219 -0.75 37.14 0.78
CA LEU B 219 0.60 36.61 0.84
C LEU B 219 0.81 35.46 -0.16
N LYS B 220 -0.16 34.57 -0.33
CA LYS B 220 -0.05 33.51 -1.32
C LYS B 220 0.03 34.05 -2.75
N ALA B 221 -0.80 35.04 -3.07
CA ALA B 221 -0.82 35.60 -4.41
C ALA B 221 0.52 36.26 -4.71
N LEU B 222 1.04 37.05 -3.76
CA LEU B 222 2.37 37.65 -3.90
C LEU B 222 3.42 36.57 -4.03
N GLY B 223 3.38 35.53 -3.17
CA GLY B 223 4.44 34.54 -3.22
C GLY B 223 4.46 33.69 -4.49
N LEU B 224 3.31 33.38 -5.07
CA LEU B 224 3.22 32.61 -6.30
C LEU B 224 3.12 33.50 -7.55
N GLY B 225 3.45 34.79 -7.39
CA GLY B 225 3.86 35.61 -8.52
C GLY B 225 2.72 36.44 -9.13
N GLY B 226 1.64 36.78 -8.40
CA GLY B 226 0.69 37.83 -8.80
C GLY B 226 1.20 39.25 -8.47
N PRO B 227 0.56 40.31 -9.03
CA PRO B 227 1.11 41.67 -8.88
C PRO B 227 1.09 42.18 -7.43
N PRO B 242 -5.46 44.97 1.12
CA PRO B 242 -5.40 44.40 2.52
C PRO B 242 -3.97 44.45 3.08
N ASP B 243 -3.88 44.92 4.31
CA ASP B 243 -2.65 45.00 5.09
C ASP B 243 -2.40 43.64 5.73
N THR B 244 -1.19 43.11 5.51
CA THR B 244 -0.86 41.76 5.94
C THR B 244 0.10 41.78 7.13
N SER B 245 0.45 42.95 7.69
CA SER B 245 1.44 43.13 8.74
C SER B 245 1.19 42.22 9.93
N ALA B 246 -0.06 42.18 10.38
CA ALA B 246 -0.37 41.53 11.64
C ALA B 246 -0.11 40.03 11.48
N LEU B 247 -0.57 39.45 10.37
CA LEU B 247 -0.37 38.04 10.10
C LEU B 247 1.12 37.76 9.90
N GLU B 248 1.82 38.60 9.14
CA GLU B 248 3.26 38.39 8.93
C GLU B 248 4.00 38.33 10.28
N SER B 249 3.60 39.17 11.25
CA SER B 249 4.22 39.14 12.59
C SER B 249 3.93 37.85 13.32
N LEU B 250 2.68 37.34 13.26
CA LEU B 250 2.34 36.02 13.82
C LEU B 250 3.20 34.93 13.16
N LEU B 251 3.37 34.97 11.84
CA LEU B 251 4.13 33.91 11.17
C LEU B 251 5.59 33.93 11.63
N LEU B 252 6.18 35.13 11.75
CA LEU B 252 7.56 35.31 12.13
C LEU B 252 7.78 34.85 13.58
N GLU B 253 6.79 35.11 14.45
CA GLU B 253 6.88 34.74 15.84
C GLU B 253 6.76 33.23 15.97
N ALA B 254 5.95 32.57 15.12
CA ALA B 254 5.85 31.12 15.11
C ALA B 254 7.19 30.51 14.75
N VAL B 255 7.83 31.09 13.72
CA VAL B 255 9.12 30.61 13.26
C VAL B 255 10.17 30.86 14.34
N HIS B 256 10.22 32.08 14.90
CA HIS B 256 11.17 32.42 15.96
C HIS B 256 11.03 31.45 17.13
N SER B 257 9.79 31.10 17.47
CA SER B 257 9.51 30.20 18.58
C SER B 257 9.95 28.78 18.25
N ALA B 258 9.74 28.35 17.00
CA ALA B 258 10.19 27.02 16.58
C ALA B 258 11.71 26.89 16.66
N ARG B 259 12.45 27.94 16.30
CA ARG B 259 13.90 27.82 16.30
C ARG B 259 14.46 27.85 17.72
N ARG B 260 13.76 28.53 18.64
CA ARG B 260 14.29 28.78 19.96
C ARG B 260 13.88 27.71 20.96
N ASN B 261 12.86 26.89 20.68
CA ASN B 261 12.35 25.88 21.62
C ASN B 261 12.36 24.50 20.99
N ASP B 262 12.83 23.49 21.77
CA ASP B 262 13.06 22.14 21.27
C ASP B 262 11.80 21.32 21.38
N THR B 263 10.70 21.89 21.90
CA THR B 263 9.44 21.19 21.94
C THR B 263 9.04 20.80 20.51
N PRO B 264 8.88 19.48 20.22
CA PRO B 264 8.65 19.00 18.87
C PRO B 264 7.25 19.30 18.30
N THR B 265 6.96 20.55 17.95
CA THR B 265 5.75 20.91 17.20
C THR B 265 5.97 20.68 15.70
N MET B 266 4.92 20.96 14.94
CA MET B 266 4.95 20.82 13.50
C MET B 266 6.03 21.72 12.90
N THR B 267 6.05 23.00 13.34
CA THR B 267 6.92 24.02 12.76
C THR B 267 8.37 23.69 13.17
N ARG B 268 8.59 23.17 14.37
CA ARG B 268 9.91 22.77 14.83
C ARG B 268 10.46 21.65 13.96
N VAL B 269 9.60 20.70 13.61
CA VAL B 269 10.03 19.58 12.80
C VAL B 269 10.37 20.09 11.39
N LEU B 270 9.54 20.97 10.84
CA LEU B 270 9.84 21.59 9.55
C LEU B 270 11.19 22.33 9.57
N TYR B 271 11.42 23.15 10.59
CA TYR B 271 12.66 23.86 10.76
C TYR B 271 13.85 22.88 10.79
N GLU B 272 13.76 21.83 11.62
CA GLU B 272 14.90 20.97 11.83
C GLU B 272 15.24 20.24 10.53
N ARG B 273 14.21 19.73 9.86
CA ARG B 273 14.39 18.99 8.61
C ARG B 273 14.93 19.90 7.50
N ALA B 274 14.42 21.13 7.40
CA ALA B 274 14.93 22.04 6.38
C ALA B 274 16.36 22.50 6.62
N GLN B 275 16.74 22.66 7.91
CA GLN B 275 18.09 23.00 8.23
C GLN B 275 19.04 21.85 7.88
N ALA B 276 18.62 20.61 8.17
CA ALA B 276 19.43 19.45 7.79
C ALA B 276 19.63 19.41 6.28
N GLU B 277 18.52 19.50 5.54
CA GLU B 277 18.54 19.27 4.11
C GLU B 277 19.23 20.39 3.32
N PHE B 278 18.97 21.66 3.64
CA PHE B 278 19.57 22.83 2.97
C PHE B 278 20.84 23.34 3.61
N GLY B 279 21.14 22.77 4.79
CA GLY B 279 22.33 23.09 5.53
C GLY B 279 22.09 24.28 6.45
N SER B 280 21.40 25.28 5.91
CA SER B 280 21.04 26.49 6.62
C SER B 280 19.74 27.01 6.04
N VAL B 281 18.78 27.47 6.85
CA VAL B 281 17.50 27.93 6.35
C VAL B 281 17.22 29.26 7.06
N SER B 282 16.72 30.27 6.32
CA SER B 282 16.49 31.60 6.86
C SER B 282 15.08 31.68 7.43
N ASP B 283 14.88 32.60 8.39
CA ASP B 283 13.57 32.89 8.97
C ASP B 283 12.57 33.10 7.85
N ASP B 284 12.96 33.88 6.84
CA ASP B 284 12.07 34.25 5.76
C ASP B 284 11.69 33.06 4.87
N GLN B 285 12.63 32.18 4.58
CA GLN B 285 12.31 30.97 3.85
C GLN B 285 11.27 30.14 4.62
N LEU B 286 11.41 29.99 5.94
CA LEU B 286 10.47 29.24 6.78
C LEU B 286 9.09 29.93 6.76
N VAL B 287 9.07 31.24 6.89
CA VAL B 287 7.81 31.97 6.92
C VAL B 287 7.06 31.71 5.61
N TYR B 288 7.80 31.75 4.51
CA TYR B 288 7.26 31.47 3.20
C TYR B 288 6.64 30.08 3.16
N MET B 289 7.42 29.05 3.55
CA MET B 289 6.90 27.70 3.54
C MET B 289 5.60 27.57 4.36
N ILE B 290 5.56 28.07 5.61
CA ILE B 290 4.38 27.88 6.42
C ILE B 290 3.21 28.73 5.91
N THR B 291 3.50 29.84 5.22
CA THR B 291 2.49 30.64 4.48
C THR B 291 1.79 29.77 3.45
N GLY B 292 2.58 29.02 2.68
CA GLY B 292 2.04 28.07 1.72
C GLY B 292 1.18 26.98 2.36
N LEU B 293 1.64 26.41 3.48
CA LEU B 293 0.92 25.33 4.10
C LEU B 293 -0.41 25.84 4.63
N ILE B 294 -0.47 27.09 5.13
CA ILE B 294 -1.69 27.65 5.65
C ILE B 294 -2.68 27.78 4.50
N PHE B 295 -2.21 28.25 3.36
CA PHE B 295 -3.14 28.39 2.22
C PHE B 295 -3.58 27.05 1.67
N ALA B 296 -2.61 26.16 1.35
CA ALA B 296 -2.91 24.81 0.93
C ALA B 296 -3.81 24.08 1.94
N GLY B 297 -3.68 24.32 3.22
CA GLY B 297 -4.39 23.52 4.22
C GLY B 297 -5.83 24.01 4.43
N HIS B 298 -6.25 25.18 3.93
CA HIS B 298 -7.58 25.64 4.26
C HIS B 298 -8.45 25.81 3.03
N ASP B 299 -7.87 26.22 1.92
CA ASP B 299 -8.69 26.63 0.78
C ASP B 299 -9.39 25.44 0.12
N THR B 300 -8.65 24.43 -0.32
CA THR B 300 -9.25 23.25 -0.88
C THR B 300 -10.12 22.58 0.17
N THR B 301 -9.64 22.51 1.43
CA THR B 301 -10.42 21.82 2.45
C THR B 301 -11.78 22.50 2.66
N GLY B 302 -11.76 23.84 2.78
CA GLY B 302 -12.94 24.62 3.03
C GLY B 302 -13.94 24.45 1.89
N SER B 303 -13.46 24.44 0.66
CA SER B 303 -14.31 24.18 -0.48
C SER B 303 -14.98 22.81 -0.37
N PHE B 304 -14.19 21.75 -0.14
CA PHE B 304 -14.66 20.40 0.10
C PHE B 304 -15.71 20.36 1.22
N LEU B 305 -15.40 21.00 2.34
CA LEU B 305 -16.26 20.91 3.51
C LEU B 305 -17.63 21.52 3.28
N GLY B 306 -17.71 22.55 2.46
CA GLY B 306 -19.01 23.11 2.11
C GLY B 306 -19.93 22.04 1.47
N PHE B 307 -19.38 21.33 0.48
CA PHE B 307 -20.12 20.23 -0.16
C PHE B 307 -20.40 19.04 0.77
N LEU B 308 -19.47 18.65 1.64
CA LEU B 308 -19.73 17.60 2.61
C LEU B 308 -20.85 17.99 3.57
N LEU B 309 -20.84 19.22 4.02
CA LEU B 309 -21.89 19.76 4.87
C LEU B 309 -23.25 19.62 4.20
N ALA B 310 -23.35 20.14 2.98
CA ALA B 310 -24.57 20.08 2.20
C ALA B 310 -25.12 18.66 2.15
N GLU B 311 -24.29 17.65 1.89
CA GLU B 311 -24.73 16.26 1.81
C GLU B 311 -25.09 15.71 3.19
N VAL B 312 -24.34 16.06 4.25
CA VAL B 312 -24.76 15.60 5.56
C VAL B 312 -26.11 16.22 5.87
N LEU B 313 -26.21 17.54 5.68
CA LEU B 313 -27.35 18.29 6.21
C LEU B 313 -28.56 18.04 5.33
N ALA B 314 -28.36 17.51 4.13
CA ALA B 314 -29.45 17.05 3.29
C ALA B 314 -30.08 15.76 3.83
N GLY B 315 -29.43 15.14 4.84
CA GLY B 315 -29.98 13.96 5.51
C GLY B 315 -29.53 12.67 4.85
N ARG B 316 -28.42 12.68 4.12
CA ARG B 316 -28.01 11.53 3.34
C ARG B 316 -27.08 10.59 4.09
N LEU B 317 -26.64 10.94 5.29
CA LEU B 317 -25.84 10.05 6.13
C LEU B 317 -26.81 9.44 7.13
N ALA B 318 -26.83 8.11 7.26
CA ALA B 318 -27.79 7.45 8.13
C ALA B 318 -27.65 7.96 9.57
N ALA B 319 -28.81 8.09 10.24
CA ALA B 319 -28.92 8.62 11.60
C ALA B 319 -27.94 7.94 12.55
N ASP B 320 -27.88 6.61 12.44
CA ASP B 320 -27.13 5.79 13.36
C ASP B 320 -25.78 5.37 12.73
N ALA B 321 -25.21 6.12 11.76
CA ALA B 321 -24.02 5.69 11.04
C ALA B 321 -22.84 5.45 11.98
N ASP B 322 -22.20 4.27 11.85
CA ASP B 322 -20.99 3.98 12.59
C ASP B 322 -19.78 4.64 11.93
N GLU B 323 -18.59 4.50 12.52
CA GLU B 323 -17.46 5.22 12.00
C GLU B 323 -17.17 4.76 10.57
N ASP B 324 -17.35 3.45 10.27
CA ASP B 324 -17.06 2.97 8.93
C ASP B 324 -18.02 3.60 7.90
N ALA B 325 -19.28 3.72 8.28
CA ALA B 325 -20.27 4.36 7.44
C ALA B 325 -19.96 5.84 7.21
N VAL B 326 -19.45 6.54 8.25
CA VAL B 326 -19.04 7.93 8.09
C VAL B 326 -17.88 8.02 7.12
N SER B 327 -16.86 7.16 7.29
CA SER B 327 -15.67 7.24 6.45
C SER B 327 -16.03 6.94 4.95
N ARG B 328 -16.94 5.99 4.67
CA ARG B 328 -17.44 5.72 3.33
C ARG B 328 -18.17 6.95 2.75
N PHE B 329 -18.94 7.63 3.59
CA PHE B 329 -19.67 8.85 3.18
C PHE B 329 -18.74 9.98 2.79
N VAL B 330 -17.68 10.19 3.59
CA VAL B 330 -16.65 11.14 3.24
C VAL B 330 -15.94 10.73 1.94
N GLU B 331 -15.58 9.44 1.78
CA GLU B 331 -14.92 9.01 0.57
C GLU B 331 -15.80 9.34 -0.68
N GLU B 332 -17.08 9.02 -0.58
CA GLU B 332 -17.98 9.23 -1.72
C GLU B 332 -18.07 10.72 -1.99
N ALA B 333 -18.07 11.56 -0.95
CA ALA B 333 -18.14 13.01 -1.17
C ALA B 333 -16.90 13.53 -1.86
N LEU B 334 -15.72 12.94 -1.55
CA LEU B 334 -14.45 13.29 -2.16
C LEU B 334 -14.49 12.94 -3.64
N ARG B 335 -15.12 11.80 -3.96
CA ARG B 335 -15.27 11.41 -5.36
C ARG B 335 -16.21 12.41 -6.07
N TYR B 336 -17.37 12.66 -5.44
CA TYR B 336 -18.45 13.36 -6.15
C TYR B 336 -18.25 14.87 -6.21
N HIS B 337 -17.63 15.46 -5.20
CA HIS B 337 -17.44 16.90 -5.15
C HIS B 337 -15.98 17.33 -5.01
N PRO B 338 -15.10 17.00 -5.97
CA PRO B 338 -13.71 17.37 -5.89
C PRO B 338 -13.62 18.89 -5.99
N PRO B 339 -12.94 19.52 -5.04
CA PRO B 339 -12.77 20.96 -5.10
C PRO B 339 -11.83 21.48 -6.19
N VAL B 340 -10.94 20.62 -6.65
CA VAL B 340 -9.94 20.97 -7.64
C VAL B 340 -10.27 20.20 -8.90
N PRO B 341 -10.69 20.87 -10.01
CA PRO B 341 -11.20 20.14 -11.18
C PRO B 341 -10.13 19.50 -12.07
N TYR B 342 -8.95 20.10 -12.06
CA TYR B 342 -7.81 19.73 -12.89
C TYR B 342 -6.57 19.75 -12.02
N THR B 343 -5.58 18.88 -12.31
CA THR B 343 -4.27 19.05 -11.71
C THR B 343 -3.70 20.43 -12.03
N LEU B 344 -2.72 20.80 -11.22
CA LEU B 344 -1.97 22.03 -11.49
C LEU B 344 -1.21 21.85 -12.80
N TRP B 345 -0.90 22.97 -13.47
CA TRP B 345 -0.27 22.92 -14.77
C TRP B 345 1.01 22.06 -14.71
N ARG B 346 1.12 21.17 -15.67
CA ARG B 346 2.39 20.56 -16.05
C ARG B 346 2.71 21.01 -17.48
N PHE B 347 4.00 20.97 -17.81
CA PHE B 347 4.44 21.29 -19.15
C PHE B 347 5.38 20.19 -19.59
N ALA B 348 5.32 19.89 -20.89
CA ALA B 348 6.18 18.91 -21.49
C ALA B 348 7.61 19.47 -21.54
N ALA B 349 8.57 18.81 -20.89
CA ALA B 349 9.95 19.29 -20.90
C ALA B 349 10.64 19.10 -22.25
N THR B 350 10.14 18.15 -23.06
CA THR B 350 10.60 17.88 -24.41
C THR B 350 9.39 17.48 -25.23
N GLU B 351 9.61 17.17 -26.51
CA GLU B 351 8.56 16.62 -27.34
C GLU B 351 8.18 15.25 -26.75
N VAL B 352 6.89 14.97 -26.60
CA VAL B 352 6.40 13.69 -26.12
C VAL B 352 5.22 13.26 -26.99
N THR B 353 5.05 11.95 -27.18
CA THR B 353 3.86 11.41 -27.83
C THR B 353 3.06 10.63 -26.79
N ILE B 354 1.84 11.09 -26.47
CA ILE B 354 0.99 10.45 -25.47
C ILE B 354 -0.41 10.29 -26.07
N GLY B 355 -1.09 9.16 -25.78
CA GLY B 355 -2.39 8.85 -26.36
C GLY B 355 -2.42 9.05 -27.89
N GLY B 356 -1.30 8.88 -28.59
CA GLY B 356 -1.23 9.03 -30.04
C GLY B 356 -0.98 10.48 -30.51
N VAL B 357 -0.90 11.43 -29.58
CA VAL B 357 -0.81 12.86 -29.88
C VAL B 357 0.64 13.33 -29.65
N ARG B 358 1.18 14.05 -30.64
CA ARG B 358 2.54 14.59 -30.56
C ARG B 358 2.49 15.96 -29.91
N LEU B 359 2.93 16.05 -28.65
CA LEU B 359 2.95 17.30 -27.93
C LEU B 359 4.29 17.99 -28.11
N PRO B 360 4.31 19.31 -28.39
CA PRO B 360 5.55 20.05 -28.43
C PRO B 360 6.13 20.32 -27.05
N ARG B 361 7.44 20.56 -27.02
CA ARG B 361 8.08 21.06 -25.82
C ARG B 361 7.33 22.30 -25.34
N GLY B 362 7.02 22.32 -24.05
CA GLY B 362 6.34 23.43 -23.41
C GLY B 362 4.83 23.26 -23.41
N ALA B 363 4.35 22.20 -24.06
CA ALA B 363 2.92 21.87 -24.07
C ALA B 363 2.28 21.89 -22.69
N PRO B 364 1.25 22.75 -22.44
CA PRO B 364 0.54 22.74 -21.18
C PRO B 364 -0.47 21.64 -21.08
N VAL B 365 -0.42 20.90 -19.98
CA VAL B 365 -1.19 19.68 -19.80
C VAL B 365 -1.93 19.78 -18.48
N LEU B 366 -3.22 19.46 -18.55
CA LEU B 366 -4.08 19.28 -17.41
C LEU B 366 -4.65 17.86 -17.39
N VAL B 367 -4.70 17.26 -16.19
CA VAL B 367 -5.45 16.05 -15.96
C VAL B 367 -6.85 16.45 -15.45
N ASP B 368 -7.89 15.83 -16.02
CA ASP B 368 -9.29 16.12 -15.66
C ASP B 368 -9.74 15.28 -14.45
N ILE B 369 -9.56 15.82 -13.25
CA ILE B 369 -10.00 15.19 -12.00
C ILE B 369 -11.53 15.04 -11.94
N GLU B 370 -12.22 16.15 -12.08
CA GLU B 370 -13.66 16.14 -11.98
C GLU B 370 -14.28 15.21 -13.02
N GLY B 371 -13.79 15.29 -14.28
CA GLY B 371 -14.27 14.46 -15.37
C GLY B 371 -13.96 12.97 -15.11
N THR B 372 -12.72 12.61 -14.74
CA THR B 372 -12.40 11.20 -14.49
C THR B 372 -13.16 10.66 -13.28
N ASN B 373 -13.36 11.48 -12.24
CA ASN B 373 -14.16 11.09 -11.06
C ASN B 373 -15.62 10.74 -11.36
N THR B 374 -16.16 11.25 -12.49
CA THR B 374 -17.57 11.13 -12.89
C THR B 374 -17.64 10.48 -14.27
N ASP B 375 -16.68 9.56 -14.50
CA ASP B 375 -16.60 8.90 -15.79
C ASP B 375 -17.34 7.59 -15.62
N GLY B 376 -18.41 7.44 -16.41
CA GLY B 376 -19.22 6.23 -16.38
C GLY B 376 -18.44 5.01 -16.86
N ARG B 377 -17.32 5.18 -17.56
CA ARG B 377 -16.50 4.03 -17.94
C ARG B 377 -15.96 3.27 -16.71
N HIS B 378 -15.97 3.88 -15.54
CA HIS B 378 -15.34 3.30 -14.35
C HIS B 378 -16.18 3.51 -13.11
N HIS B 379 -17.40 4.07 -13.23
CA HIS B 379 -18.25 4.29 -12.09
C HIS B 379 -19.69 4.06 -12.51
N ASP B 380 -20.42 3.20 -11.80
CA ASP B 380 -21.84 3.05 -11.96
C ASP B 380 -22.52 4.32 -11.45
N ALA B 381 -23.46 4.85 -12.24
CA ALA B 381 -24.23 6.05 -11.83
C ALA B 381 -23.27 7.09 -11.30
N PRO B 382 -22.33 7.57 -12.12
CA PRO B 382 -21.33 8.54 -11.69
C PRO B 382 -21.86 9.85 -11.14
N HIS B 383 -23.10 10.22 -11.55
CA HIS B 383 -23.69 11.49 -11.14
C HIS B 383 -24.65 11.29 -9.98
N ALA B 384 -24.71 10.08 -9.40
CA ALA B 384 -25.46 9.86 -8.18
C ALA B 384 -24.53 9.80 -6.95
N PHE B 385 -25.01 10.30 -5.81
CA PHE B 385 -24.25 10.24 -4.55
C PHE B 385 -24.65 8.92 -3.87
N HIS B 386 -23.77 7.92 -3.90
CA HIS B 386 -24.06 6.60 -3.37
C HIS B 386 -22.92 6.21 -2.41
N PRO B 387 -23.00 6.52 -1.12
CA PRO B 387 -21.88 6.25 -0.22
C PRO B 387 -21.57 4.77 -0.02
N ASP B 388 -22.56 3.90 -0.26
CA ASP B 388 -22.40 2.45 -0.22
C ASP B 388 -21.84 1.84 -1.50
N ARG B 389 -21.46 2.69 -2.44
CA ARG B 389 -20.83 2.26 -3.65
C ARG B 389 -19.54 1.49 -3.33
N PRO B 390 -19.19 0.43 -4.05
CA PRO B 390 -17.87 -0.15 -3.83
C PRO B 390 -16.78 0.89 -4.04
N SER B 391 -15.73 0.81 -3.20
CA SER B 391 -14.66 1.77 -3.19
C SER B 391 -13.85 1.61 -4.47
N TRP B 392 -13.64 2.72 -5.19
CA TRP B 392 -12.78 2.68 -6.36
C TRP B 392 -11.88 3.90 -6.23
N ARG B 393 -10.63 3.84 -6.72
CA ARG B 393 -9.72 4.97 -6.63
C ARG B 393 -10.33 6.28 -7.24
N ARG B 394 -9.81 7.45 -6.83
CA ARG B 394 -10.25 8.75 -7.36
C ARG B 394 -9.02 9.63 -7.52
N LEU B 395 -9.14 10.77 -8.21
CA LEU B 395 -8.00 11.66 -8.38
C LEU B 395 -8.10 12.94 -7.57
N THR B 396 -9.08 13.01 -6.65
CA THR B 396 -9.37 14.18 -5.83
C THR B 396 -8.13 14.79 -5.16
N PHE B 397 -7.15 13.92 -4.81
CA PHE B 397 -5.93 14.30 -4.08
C PHE B 397 -4.72 14.24 -4.99
N GLY B 398 -4.93 14.08 -6.31
CA GLY B 398 -3.84 13.88 -7.26
C GLY B 398 -3.30 12.47 -7.26
N ASP B 399 -2.09 12.34 -7.78
CA ASP B 399 -1.40 11.07 -7.97
C ASP B 399 0.03 11.36 -8.40
N GLY B 400 0.90 10.36 -8.18
CA GLY B 400 2.31 10.50 -8.48
C GLY B 400 3.09 11.21 -7.37
N PRO B 401 4.24 11.82 -7.71
CA PRO B 401 5.10 12.41 -6.71
C PRO B 401 4.48 13.53 -5.93
N HIS B 402 3.55 14.25 -6.57
CA HIS B 402 2.98 15.44 -6.00
C HIS B 402 1.69 15.14 -5.23
N TYR B 403 1.36 13.87 -4.92
CA TYR B 403 0.12 13.52 -4.23
C TYR B 403 -0.03 14.39 -2.99
N CYS B 404 -1.24 14.79 -2.71
CA CYS B 404 -1.52 15.60 -1.53
C CYS B 404 -0.92 15.09 -0.23
N ILE B 405 -0.16 15.99 0.43
CA ILE B 405 0.44 15.62 1.73
C ILE B 405 -0.57 15.75 2.89
N GLY B 406 -1.71 16.38 2.61
CA GLY B 406 -2.72 16.73 3.58
C GLY B 406 -3.89 15.75 3.73
N GLU B 407 -3.90 14.61 3.03
CA GLU B 407 -5.02 13.70 2.98
C GLU B 407 -5.47 13.29 4.38
N GLN B 408 -4.54 12.82 5.20
CA GLN B 408 -4.92 12.34 6.52
C GLN B 408 -5.51 13.46 7.39
N LEU B 409 -4.98 14.67 7.25
CA LEU B 409 -5.52 15.81 7.98
C LEU B 409 -6.91 16.14 7.45
N ALA B 410 -7.06 16.32 6.13
CA ALA B 410 -8.39 16.65 5.64
C ALA B 410 -9.48 15.64 6.07
N GLN B 411 -9.14 14.34 6.01
CA GLN B 411 -10.08 13.32 6.43
C GLN B 411 -10.40 13.41 7.89
N LEU B 412 -9.36 13.62 8.73
CA LEU B 412 -9.60 13.77 10.15
C LEU B 412 -10.56 14.93 10.38
N GLU B 413 -10.30 16.04 9.70
CA GLU B 413 -11.17 17.20 9.96
C GLU B 413 -12.59 16.89 9.53
N SER B 414 -12.78 16.18 8.40
CA SER B 414 -14.08 15.81 7.87
C SER B 414 -14.85 14.93 8.85
N ARG B 415 -14.24 13.84 9.31
CA ARG B 415 -14.89 12.96 10.27
C ARG B 415 -15.14 13.68 11.60
N THR B 416 -14.20 14.49 12.04
CA THR B 416 -14.35 15.17 13.34
C THR B 416 -15.51 16.18 13.26
N MET B 417 -15.62 16.86 12.13
CA MET B 417 -16.72 17.84 11.91
C MET B 417 -18.10 17.16 11.95
N ILE B 418 -18.22 16.03 11.23
CA ILE B 418 -19.41 15.20 11.28
C ILE B 418 -19.72 14.70 12.69
N GLY B 419 -18.67 14.32 13.44
CA GLY B 419 -18.94 13.92 14.82
C GLY B 419 -19.55 15.11 15.62
N VAL B 420 -18.94 16.29 15.51
CA VAL B 420 -19.40 17.41 16.32
C VAL B 420 -20.83 17.76 15.91
N LEU B 421 -21.12 17.77 14.60
CA LEU B 421 -22.50 18.15 14.17
C LEU B 421 -23.53 17.16 14.68
N ARG B 422 -23.27 15.84 14.57
CA ARG B 422 -24.25 14.85 15.00
C ARG B 422 -24.39 14.78 16.53
N SER B 423 -23.34 15.09 17.29
CA SER B 423 -23.46 15.01 18.73
C SER B 423 -23.95 16.33 19.33
N ARG B 424 -23.57 17.46 18.73
CA ARG B 424 -23.82 18.76 19.35
C ARG B 424 -24.90 19.53 18.61
N PHE B 425 -25.16 19.19 17.35
CA PHE B 425 -26.22 19.82 16.55
C PHE B 425 -27.03 18.74 15.84
N PRO B 426 -27.63 17.81 16.62
CA PRO B 426 -28.27 16.65 16.04
C PRO B 426 -29.39 16.97 15.07
N GLU B 427 -30.07 18.13 15.23
CA GLU B 427 -31.20 18.48 14.38
C GLU B 427 -30.87 19.53 13.32
N ALA B 428 -29.60 19.80 13.09
CA ALA B 428 -29.22 20.74 12.08
C ALA B 428 -29.82 20.30 10.76
N ARG B 429 -30.33 21.27 10.01
CA ARG B 429 -30.93 21.00 8.73
C ARG B 429 -30.77 22.22 7.82
N LEU B 430 -30.94 21.99 6.50
CA LEU B 430 -30.76 22.99 5.49
C LEU B 430 -31.86 24.02 5.61
N ALA B 431 -31.49 25.28 5.39
CA ALA B 431 -32.56 26.29 5.46
C ALA B 431 -33.23 26.43 4.11
N VAL B 432 -32.64 25.92 3.05
CA VAL B 432 -33.22 25.87 1.72
C VAL B 432 -33.14 24.43 1.19
N PRO B 433 -33.97 24.03 0.19
CA PRO B 433 -33.85 22.75 -0.51
C PRO B 433 -32.46 22.52 -1.05
N TYR B 434 -31.98 21.27 -0.88
CA TYR B 434 -30.80 20.80 -1.54
C TYR B 434 -30.82 21.19 -3.01
N ASP B 435 -31.97 21.06 -3.65
CA ASP B 435 -32.07 21.33 -5.08
C ASP B 435 -31.92 22.81 -5.43
N GLU B 436 -32.03 23.73 -4.48
CA GLU B 436 -31.78 25.15 -4.72
C GLU B 436 -30.32 25.55 -4.46
N LEU B 437 -29.50 24.67 -3.91
CA LEU B 437 -28.09 25.02 -3.80
C LEU B 437 -27.41 25.07 -5.17
N ARG B 438 -26.39 25.95 -5.25
CA ARG B 438 -25.67 26.26 -6.46
C ARG B 438 -24.19 26.30 -6.06
N TRP B 439 -23.35 25.88 -7.01
CA TRP B 439 -21.93 26.08 -6.91
C TRP B 439 -21.31 26.53 -8.21
N CYS B 440 -20.12 27.09 -8.05
CA CYS B 440 -19.38 27.68 -9.15
C CYS B 440 -17.89 27.68 -8.81
N ARG B 441 -17.09 28.01 -9.83
CA ARG B 441 -15.68 28.38 -9.68
C ARG B 441 -15.29 29.23 -10.88
N LYS B 442 -14.35 30.15 -10.67
CA LYS B 442 -13.83 30.98 -11.74
C LYS B 442 -12.33 30.75 -11.86
N GLY B 443 -11.84 30.58 -13.09
CA GLY B 443 -10.41 30.40 -13.33
C GLY B 443 -9.91 29.24 -12.48
N ALA B 444 -8.77 29.43 -11.83
CA ALA B 444 -8.12 28.36 -11.05
C ALA B 444 -8.63 28.22 -9.61
N GLN B 445 -9.69 28.93 -9.21
CA GLN B 445 -10.24 28.82 -7.86
C GLN B 445 -10.91 27.47 -7.66
N THR B 446 -10.94 26.97 -6.41
CA THR B 446 -11.60 25.73 -6.09
C THR B 446 -13.11 25.96 -6.17
N ALA B 447 -13.84 24.90 -6.51
CA ALA B 447 -15.29 24.91 -6.58
C ALA B 447 -15.84 25.18 -5.20
N ARG B 448 -16.90 25.96 -5.09
CA ARG B 448 -17.54 26.15 -3.79
C ARG B 448 -19.00 26.53 -3.99
N LEU B 449 -19.82 26.13 -3.01
CA LEU B 449 -21.19 26.60 -2.96
C LEU B 449 -21.21 28.13 -2.80
N THR B 450 -22.24 28.70 -3.38
CA THR B 450 -22.58 30.12 -3.30
C THR B 450 -22.87 30.52 -1.87
N GLU B 451 -23.52 29.64 -1.11
CA GLU B 451 -23.92 29.84 0.26
C GLU B 451 -24.50 28.52 0.71
N LEU B 452 -24.55 28.32 2.04
CA LEU B 452 -25.13 27.14 2.63
C LEU B 452 -25.87 27.56 3.90
N PRO B 453 -27.12 28.01 3.73
CA PRO B 453 -27.93 28.46 4.85
C PRO B 453 -28.47 27.31 5.67
N VAL B 454 -28.30 27.37 7.01
CA VAL B 454 -28.59 26.24 7.88
C VAL B 454 -29.27 26.69 9.16
N TRP B 455 -30.21 25.87 9.66
CA TRP B 455 -30.72 26.02 11.01
C TRP B 455 -30.04 24.97 11.87
N LEU B 456 -29.19 25.39 12.79
CA LEU B 456 -28.32 24.46 13.48
C LEU B 456 -29.06 23.79 14.64
N ARG B 457 -30.11 24.41 15.15
CA ARG B 457 -30.91 23.81 16.21
C ARG B 457 -32.31 24.40 16.17
#